data_5OQD
#
_entry.id   5OQD
#
_cell.length_a   307.423
_cell.length_b   53.119
_cell.length_c   86.839
_cell.angle_alpha   90.00
_cell.angle_beta   105.47
_cell.angle_gamma   90.00
#
_symmetry.space_group_name_H-M   'C 1 2 1'
#
loop_
_entity.id
_entity.type
_entity.pdbx_description
1 polymer 'Polycomb protein Pcl'
2 non-polymer 'ZINC ION'
3 non-polymer 1,2-ETHANEDIOL
4 non-polymer 'PHOSPHATE ION'
5 water water
#
_entity_poly.entity_id   1
_entity_poly.type   'polypeptide(L)'
_entity_poly.pdbx_seq_one_letter_code
;GPDSMRQLPYHADKLSWDEKHRVNEEQIYCYCGKPGKFDHNMLQCCKCRNWFHTQCMQNFKKKLLRGDMFFVFCCTVCNN
GIEFVRRMQIEWVDVLHIALYNLRKHQHQKYHHLLNDIWPFILEQRHQLPICEKWRTLPETALMERLKQTLKDYSDRFVC
GREFKRAPAFYALRHSGPPHIPKVFLEPHEELSDELLEKRFKLMLMPEE
;
_entity_poly.pdbx_strand_id   B,A,C,D,E,F
#
# COMPACT_ATOMS: atom_id res chain seq x y z
N ARG A 22 -42.04 -23.71 -23.26
CA ARG A 22 -41.81 -23.63 -24.71
C ARG A 22 -40.33 -23.51 -25.02
N VAL A 23 -39.67 -22.53 -24.42
CA VAL A 23 -38.24 -22.31 -24.64
C VAL A 23 -37.43 -22.75 -23.42
N ASN A 24 -36.59 -23.77 -23.62
CA ASN A 24 -35.71 -24.25 -22.57
C ASN A 24 -34.29 -23.75 -22.76
N GLU A 25 -33.63 -23.38 -21.66
CA GLU A 25 -32.28 -22.83 -21.74
C GLU A 25 -31.24 -23.92 -21.95
N GLU A 26 -30.27 -23.64 -22.80
CA GLU A 26 -29.13 -24.54 -22.99
C GLU A 26 -28.07 -24.24 -21.95
N GLN A 27 -27.62 -25.27 -21.24
CA GLN A 27 -26.64 -25.09 -20.17
C GLN A 27 -25.21 -25.23 -20.66
N ILE A 28 -24.27 -24.81 -19.82
CA ILE A 28 -22.85 -24.95 -20.12
C ILE A 28 -22.34 -26.26 -19.53
N TYR A 29 -21.54 -26.98 -20.31
CA TYR A 29 -21.00 -28.27 -19.86
C TYR A 29 -19.48 -28.22 -19.79
N CYS A 30 -18.92 -28.93 -18.81
CA CYS A 30 -17.48 -29.08 -18.69
C CYS A 30 -17.03 -30.16 -19.67
N TYR A 31 -15.76 -30.52 -19.64
CA TYR A 31 -15.29 -31.61 -20.49
C TYR A 31 -15.71 -32.95 -19.91
N CYS A 32 -16.15 -32.93 -18.65
CA CYS A 32 -16.65 -34.12 -17.99
C CYS A 32 -17.99 -34.55 -18.54
N GLY A 33 -18.71 -33.59 -19.13
CA GLY A 33 -20.01 -33.87 -19.71
C GLY A 33 -21.16 -33.43 -18.82
N LYS A 34 -20.83 -33.02 -17.59
CA LYS A 34 -21.83 -32.56 -16.64
C LYS A 34 -22.07 -31.06 -16.78
N PRO A 35 -23.31 -30.61 -16.53
CA PRO A 35 -23.63 -29.18 -16.54
C PRO A 35 -23.05 -28.47 -15.33
N GLY A 36 -23.17 -27.15 -15.29
CA GLY A 36 -22.65 -26.38 -14.17
C GLY A 36 -23.15 -24.94 -14.14
N LYS A 37 -22.89 -24.27 -13.02
CA LYS A 37 -23.24 -22.86 -12.87
C LYS A 37 -21.98 -21.99 -12.96
N PHE A 38 -22.06 -20.94 -13.77
CA PHE A 38 -20.91 -20.09 -14.05
C PHE A 38 -20.40 -19.40 -12.78
N ASP A 39 -21.31 -19.10 -11.86
CA ASP A 39 -20.93 -18.41 -10.63
C ASP A 39 -20.68 -19.40 -9.50
N HIS A 40 -20.74 -20.69 -9.81
CA HIS A 40 -20.55 -21.73 -8.81
C HIS A 40 -19.35 -22.61 -9.14
N ASN A 41 -18.17 -22.15 -8.73
CA ASN A 41 -16.92 -22.89 -8.91
C ASN A 41 -16.64 -23.31 -10.35
N MET A 42 -16.69 -22.35 -11.27
CA MET A 42 -16.31 -22.59 -12.66
C MET A 42 -15.41 -21.47 -13.17
N LEU A 43 -14.48 -21.82 -14.04
CA LEU A 43 -13.63 -20.84 -14.70
C LEU A 43 -13.64 -21.04 -16.20
N GLN A 44 -13.47 -19.96 -16.95
CA GLN A 44 -13.38 -20.03 -18.41
C GLN A 44 -11.92 -19.92 -18.86
N CYS A 45 -11.49 -20.82 -19.73
CA CYS A 45 -10.15 -20.79 -20.26
C CYS A 45 -9.95 -19.55 -21.13
N CYS A 46 -8.82 -18.87 -20.96
CA CYS A 46 -8.55 -17.72 -21.80
C CYS A 46 -8.31 -18.04 -23.28
N LYS A 47 -7.60 -19.10 -23.59
CA LYS A 47 -7.45 -19.53 -24.99
C LYS A 47 -8.61 -20.20 -25.77
N CYS A 48 -9.26 -21.20 -25.19
CA CYS A 48 -10.30 -21.97 -25.87
C CYS A 48 -11.69 -21.46 -25.51
N ARG A 49 -11.76 -20.68 -24.43
CA ARG A 49 -12.99 -20.02 -23.99
C ARG A 49 -14.09 -21.01 -23.58
N ASN A 50 -13.69 -22.23 -23.23
CA ASN A 50 -14.61 -23.21 -22.67
C ASN A 50 -14.65 -23.08 -21.16
N TRP A 51 -15.73 -23.56 -20.54
CA TRP A 51 -15.88 -23.49 -19.09
C TRP A 51 -15.49 -24.81 -18.44
N PHE A 52 -14.89 -24.72 -17.25
CA PHE A 52 -14.39 -25.90 -16.56
C PHE A 52 -14.84 -25.93 -15.10
N HIS A 53 -15.21 -27.10 -14.62
CA HIS A 53 -15.43 -27.29 -13.20
C HIS A 53 -14.08 -27.19 -12.48
N THR A 54 -14.07 -26.59 -11.30
CA THR A 54 -12.84 -26.48 -10.52
C THR A 54 -12.36 -27.87 -10.11
N GLN A 55 -13.30 -28.77 -9.89
CA GLN A 55 -12.98 -30.16 -9.58
C GLN A 55 -12.36 -30.85 -10.78
N CYS A 56 -12.80 -30.45 -11.97
CA CYS A 56 -12.32 -31.05 -13.22
C CYS A 56 -10.99 -30.44 -13.64
N MET A 57 -10.54 -29.43 -12.92
CA MET A 57 -9.24 -28.83 -13.16
C MET A 57 -8.15 -29.70 -12.54
N GLN A 58 -6.89 -29.44 -12.90
CA GLN A 58 -5.79 -30.28 -12.44
C GLN A 58 -5.53 -30.16 -10.95
N ASN A 59 -5.32 -28.94 -10.47
CA ASN A 59 -5.08 -28.70 -9.06
C ASN A 59 -5.80 -27.46 -8.56
N PHE A 60 -7.08 -27.60 -8.25
CA PHE A 60 -7.87 -26.51 -7.70
C PHE A 60 -8.72 -27.01 -6.53
N LYS A 61 -8.15 -26.98 -5.33
CA LYS A 61 -8.80 -27.52 -4.15
C LYS A 61 -9.69 -26.50 -3.46
N LYS A 62 -9.38 -25.22 -3.65
CA LYS A 62 -10.09 -24.15 -2.98
C LYS A 62 -11.54 -24.02 -3.44
N LYS A 63 -12.47 -24.01 -2.49
CA LYS A 63 -13.87 -23.75 -2.80
C LYS A 63 -14.10 -22.25 -2.90
N LEU A 64 -14.74 -21.82 -3.98
CA LEU A 64 -14.90 -20.39 -4.25
C LEU A 64 -16.22 -19.84 -3.74
N LEU A 65 -16.17 -18.61 -3.25
CA LEU A 65 -17.37 -17.88 -2.85
C LEU A 65 -18.16 -17.56 -4.09
N ARG A 66 -19.47 -17.51 -3.99
CA ARG A 66 -20.25 -17.33 -5.18
C ARG A 66 -19.87 -16.04 -5.81
N GLY A 67 -19.87 -16.04 -7.11
CA GLY A 67 -19.62 -14.86 -7.91
C GLY A 67 -18.16 -14.48 -8.03
N ASP A 68 -17.29 -15.22 -7.34
CA ASP A 68 -15.86 -14.94 -7.40
C ASP A 68 -15.19 -15.76 -8.49
N MET A 69 -14.95 -15.13 -9.63
CA MET A 69 -14.26 -15.75 -10.75
C MET A 69 -12.97 -15.01 -11.03
N PHE A 70 -12.41 -14.35 -10.04
CA PHE A 70 -11.32 -13.42 -10.31
C PHE A 70 -10.00 -14.14 -10.44
N PHE A 71 -9.89 -14.89 -11.53
CA PHE A 71 -8.71 -15.65 -11.87
C PHE A 71 -8.44 -15.52 -13.36
N VAL A 72 -7.21 -15.74 -13.76
CA VAL A 72 -6.91 -15.95 -15.16
C VAL A 72 -6.54 -17.42 -15.29
N PHE A 73 -7.21 -18.12 -16.20
CA PHE A 73 -7.06 -19.56 -16.32
C PHE A 73 -6.82 -20.02 -17.76
N CYS A 74 -5.88 -20.93 -17.92
CA CYS A 74 -5.64 -21.58 -19.20
C CYS A 74 -5.53 -23.08 -18.99
N CYS A 75 -6.39 -23.84 -19.67
CA CYS A 75 -6.47 -25.28 -19.45
C CYS A 75 -5.25 -26.01 -20.00
N THR A 76 -5.15 -27.30 -19.67
CA THR A 76 -4.01 -28.12 -20.06
C THR A 76 -3.95 -28.37 -21.57
N VAL A 77 -5.10 -28.24 -22.24
CA VAL A 77 -5.15 -28.45 -23.68
C VAL A 77 -4.51 -27.28 -24.44
N CYS A 78 -4.76 -26.07 -23.96
CA CYS A 78 -4.28 -24.87 -24.63
C CYS A 78 -2.88 -24.44 -24.18
N ASN A 79 -2.39 -25.04 -23.10
CA ASN A 79 -1.11 -24.63 -22.53
C ASN A 79 -0.10 -25.76 -22.42
N ASN A 80 -0.08 -26.61 -23.44
CA ASN A 80 0.90 -27.71 -23.55
C ASN A 80 0.93 -28.63 -22.33
N GLY A 81 -0.24 -29.03 -21.84
CA GLY A 81 -0.32 -29.97 -20.74
C GLY A 81 0.01 -29.37 -19.38
N ILE A 82 0.27 -28.07 -19.35
CA ILE A 82 0.59 -27.39 -18.10
C ILE A 82 -0.50 -26.37 -17.76
N GLU A 83 -1.28 -26.68 -16.73
CA GLU A 83 -2.38 -25.80 -16.31
C GLU A 83 -1.85 -24.47 -15.78
N PHE A 84 -2.50 -23.38 -16.18
CA PHE A 84 -2.08 -22.04 -15.78
C PHE A 84 -3.16 -21.35 -14.97
N VAL A 85 -2.93 -21.20 -13.66
CA VAL A 85 -3.87 -20.51 -12.79
C VAL A 85 -3.24 -19.32 -12.07
N ARG A 86 -3.79 -18.13 -12.29
CA ARG A 86 -3.32 -16.95 -11.61
C ARG A 86 -4.45 -16.17 -10.98
N ARG A 87 -4.22 -15.74 -9.75
CA ARG A 87 -5.15 -14.87 -9.04
C ARG A 87 -5.13 -13.45 -9.58
N MET A 88 -6.27 -12.78 -9.49
CA MET A 88 -6.39 -11.40 -9.89
C MET A 88 -6.38 -10.57 -8.63
N GLN A 89 -5.59 -9.51 -8.59
CA GLN A 89 -5.67 -8.59 -7.47
C GLN A 89 -6.96 -7.81 -7.64
N ILE A 90 -7.78 -7.73 -6.60
CA ILE A 90 -9.08 -7.11 -6.74
C ILE A 90 -9.22 -5.81 -5.99
N GLU A 91 -10.30 -5.09 -6.25
CA GLU A 91 -10.53 -3.80 -5.61
C GLU A 91 -11.64 -3.94 -4.57
N TRP A 92 -11.92 -2.87 -3.83
CA TRP A 92 -12.94 -2.91 -2.79
C TRP A 92 -14.34 -3.01 -3.38
N VAL A 93 -14.51 -2.51 -4.59
CA VAL A 93 -15.77 -2.64 -5.30
C VAL A 93 -16.06 -4.13 -5.56
N ASP A 94 -14.99 -4.87 -5.85
CA ASP A 94 -15.10 -6.31 -6.09
C ASP A 94 -15.44 -7.03 -4.78
N VAL A 95 -14.78 -6.63 -3.70
CA VAL A 95 -15.04 -7.22 -2.38
C VAL A 95 -16.48 -6.96 -1.95
N LEU A 96 -16.94 -5.72 -2.13
CA LEU A 96 -18.29 -5.34 -1.76
C LEU A 96 -19.34 -6.07 -2.58
N HIS A 97 -19.08 -6.24 -3.87
CA HIS A 97 -20.01 -6.93 -4.76
C HIS A 97 -20.10 -8.40 -4.39
N ILE A 98 -18.94 -9.00 -4.11
CA ILE A 98 -18.87 -10.39 -3.65
C ILE A 98 -19.69 -10.55 -2.37
N ALA A 99 -19.54 -9.59 -1.46
CA ALA A 99 -20.24 -9.60 -0.19
C ALA A 99 -21.75 -9.57 -0.38
N LEU A 100 -22.24 -8.55 -1.08
CA LEU A 100 -23.66 -8.35 -1.29
C LEU A 100 -24.30 -9.49 -2.09
N TYR A 101 -23.52 -10.09 -2.97
CA TYR A 101 -24.01 -11.19 -3.80
C TYR A 101 -24.18 -12.47 -2.98
N ASN A 102 -23.26 -12.68 -2.04
CA ASN A 102 -23.28 -13.88 -1.21
C ASN A 102 -24.17 -13.74 0.03
N LEU A 103 -24.35 -12.51 0.51
CA LEU A 103 -25.21 -12.27 1.65
C LEU A 103 -26.68 -12.53 1.30
N ARG A 104 -27.05 -12.21 0.07
CA ARG A 104 -28.42 -12.39 -0.39
C ARG A 104 -28.74 -13.87 -0.60
N LYS A 105 -27.72 -14.66 -0.90
CA LYS A 105 -27.89 -16.09 -1.14
C LYS A 105 -27.96 -16.86 0.18
N HIS A 106 -27.30 -16.32 1.20
CA HIS A 106 -27.26 -16.96 2.51
C HIS A 106 -28.33 -16.40 3.44
N GLN A 107 -28.58 -15.10 3.34
CA GLN A 107 -29.58 -14.44 4.17
C GLN A 107 -30.68 -13.83 3.30
N HIS A 108 -31.89 -13.77 3.84
CA HIS A 108 -33.05 -13.28 3.08
C HIS A 108 -33.46 -11.88 3.53
N GLN A 109 -32.84 -10.87 2.93
CA GLN A 109 -33.15 -9.47 3.23
C GLN A 109 -33.09 -8.62 1.98
N LYS A 110 -33.88 -7.54 1.96
CA LYS A 110 -33.88 -6.61 0.84
C LYS A 110 -32.60 -5.79 0.83
N TYR A 111 -32.20 -5.32 2.00
CA TYR A 111 -30.96 -4.58 2.17
C TYR A 111 -30.05 -5.28 3.17
N HIS A 112 -28.80 -4.81 3.23
CA HIS A 112 -27.85 -5.32 4.22
C HIS A 112 -27.16 -4.17 4.93
N HIS A 113 -27.28 -4.15 6.25
CA HIS A 113 -26.66 -3.11 7.06
C HIS A 113 -25.16 -3.18 6.95
N LEU A 114 -24.55 -2.05 6.61
CA LEU A 114 -23.10 -2.00 6.39
C LEU A 114 -22.31 -2.45 7.62
N LEU A 115 -22.70 -1.95 8.78
CA LEU A 115 -21.96 -2.25 10.01
C LEU A 115 -22.35 -3.61 10.58
N ASN A 116 -23.60 -4.01 10.39
CA ASN A 116 -24.12 -5.22 10.96
C ASN A 116 -24.00 -6.45 10.07
N ASP A 117 -24.07 -6.26 8.77
CA ASP A 117 -23.99 -7.39 7.86
C ASP A 117 -22.82 -7.46 6.89
N ILE A 118 -22.40 -6.31 6.37
CA ILE A 118 -21.36 -6.28 5.37
C ILE A 118 -19.97 -6.33 6.01
N TRP A 119 -19.76 -5.54 7.06
CA TRP A 119 -18.44 -5.40 7.66
C TRP A 119 -17.93 -6.69 8.28
N PRO A 120 -18.89 -7.41 9.01
CA PRO A 120 -18.36 -8.65 9.59
C PRO A 120 -17.93 -9.60 8.48
N PHE A 121 -18.70 -9.62 7.41
CA PHE A 121 -18.41 -10.52 6.30
C PHE A 121 -17.06 -10.18 5.70
N ILE A 122 -16.76 -8.90 5.59
CA ILE A 122 -15.48 -8.49 5.02
C ILE A 122 -14.31 -8.93 5.91
N LEU A 123 -14.40 -8.65 7.20
CA LEU A 123 -13.31 -8.97 8.12
C LEU A 123 -13.07 -10.48 8.23
N GLU A 124 -14.14 -11.25 8.05
CA GLU A 124 -14.04 -12.70 8.04
C GLU A 124 -13.43 -13.18 6.73
N GLN A 125 -13.61 -12.40 5.68
CA GLN A 125 -13.18 -12.80 4.34
C GLN A 125 -12.03 -11.94 3.82
N ARG A 126 -11.55 -11.00 4.64
CA ARG A 126 -10.47 -10.11 4.25
C ARG A 126 -9.18 -10.88 3.96
N HIS A 127 -8.93 -11.92 4.76
CA HIS A 127 -7.74 -12.73 4.60
C HIS A 127 -7.84 -13.67 3.41
N GLN A 128 -9.05 -14.14 3.14
CA GLN A 128 -9.28 -15.09 2.06
C GLN A 128 -9.24 -14.42 0.69
N LEU A 129 -9.76 -13.19 0.63
CA LEU A 129 -9.81 -12.44 -0.63
C LEU A 129 -8.47 -11.80 -0.95
N PRO A 130 -8.12 -11.75 -2.23
CA PRO A 130 -6.86 -11.19 -2.69
C PRO A 130 -6.90 -9.69 -2.99
N ILE A 131 -6.24 -8.87 -2.20
CA ILE A 131 -6.27 -7.46 -2.43
C ILE A 131 -4.91 -6.80 -2.24
N CYS A 132 -4.67 -5.71 -2.95
CA CYS A 132 -3.40 -4.99 -2.86
C CYS A 132 -2.88 -4.87 -1.45
N TRP A 135 -4.40 -3.87 -0.43
CA TRP A 135 -4.35 -3.12 0.82
C TRP A 135 -4.23 -3.97 2.08
N ARG A 136 -3.04 -4.54 2.29
CA ARG A 136 -2.72 -5.23 3.53
C ARG A 136 -2.70 -4.29 4.75
N THR A 137 -2.14 -3.11 4.53
CA THR A 137 -1.79 -2.16 5.59
C THR A 137 -2.92 -1.54 6.43
N LEU A 138 -4.06 -1.26 5.81
CA LEU A 138 -5.08 -0.35 6.35
C LEU A 138 -5.68 -0.77 7.70
N PRO A 139 -5.91 0.20 8.58
CA PRO A 139 -6.61 -0.10 9.85
C PRO A 139 -8.13 -0.12 9.71
N GLU A 140 -8.82 -0.65 10.72
CA GLU A 140 -10.26 -0.85 10.65
C GLU A 140 -11.04 0.45 10.49
N THR A 141 -10.64 1.48 11.23
CA THR A 141 -11.36 2.75 11.21
C THR A 141 -11.28 3.42 9.85
N ALA A 142 -10.13 3.29 9.20
CA ALA A 142 -9.93 3.88 7.88
C ALA A 142 -10.66 3.07 6.80
N LEU A 143 -10.94 1.81 7.11
CA LEU A 143 -11.58 0.91 6.16
C LEU A 143 -13.05 1.24 5.97
N MET A 144 -13.72 1.63 7.06
CA MET A 144 -15.14 1.98 7.01
C MET A 144 -15.44 3.09 6.02
N GLU A 145 -14.66 4.17 6.09
CA GLU A 145 -14.85 5.30 5.19
C GLU A 145 -14.51 4.94 3.75
N ARG A 146 -13.56 4.03 3.57
CA ARG A 146 -13.19 3.57 2.25
C ARG A 146 -14.34 2.82 1.60
N LEU A 147 -14.99 1.96 2.38
CA LEU A 147 -16.13 1.19 1.90
C LEU A 147 -17.31 2.08 1.57
N LYS A 148 -17.62 3.03 2.46
CA LYS A 148 -18.74 3.94 2.27
C LYS A 148 -18.59 4.78 1.01
N GLN A 149 -17.37 5.24 0.74
CA GLN A 149 -17.12 6.07 -0.42
C GLN A 149 -17.10 5.24 -1.71
N THR A 150 -16.63 4.00 -1.60
CA THR A 150 -16.62 3.08 -2.74
C THR A 150 -18.05 2.79 -3.20
N LEU A 151 -18.94 2.57 -2.23
CA LEU A 151 -20.35 2.30 -2.51
C LEU A 151 -21.01 3.50 -3.18
N LYS A 152 -20.56 4.69 -2.82
CA LYS A 152 -21.11 5.92 -3.38
C LYS A 152 -20.57 6.17 -4.79
N ASP A 153 -19.30 5.83 -5.00
CA ASP A 153 -18.68 5.98 -6.32
C ASP A 153 -19.27 4.97 -7.31
N TYR A 154 -19.71 3.84 -6.79
CA TYR A 154 -20.34 2.81 -7.62
C TYR A 154 -21.84 2.73 -7.50
N SER A 155 -22.47 3.89 -7.30
CA SER A 155 -23.92 3.96 -7.18
C SER A 155 -24.70 3.29 -8.31
N ASP A 156 -24.03 3.10 -9.44
CA ASP A 156 -24.64 2.44 -10.59
C ASP A 156 -24.90 0.96 -10.32
N ARG A 157 -24.11 0.38 -9.41
CA ARG A 157 -24.28 -1.02 -9.03
C ARG A 157 -24.91 -1.16 -7.65
N PHE A 158 -24.67 -0.17 -6.79
CA PHE A 158 -25.08 -0.24 -5.39
C PHE A 158 -26.18 0.76 -5.05
N VAL A 159 -27.26 0.26 -4.45
CA VAL A 159 -28.32 1.12 -3.94
C VAL A 159 -28.07 1.41 -2.47
N CYS A 160 -28.39 2.62 -2.07
CA CYS A 160 -28.21 3.01 -0.70
C CYS A 160 -29.56 3.14 -0.07
N GLY A 161 -29.70 2.59 1.12
CA GLY A 161 -30.96 2.64 1.81
C GLY A 161 -30.84 3.42 3.09
N ARG A 162 -31.80 4.27 3.36
CA ARG A 162 -31.79 5.03 4.59
C ARG A 162 -32.97 4.67 5.48
N GLU A 163 -32.71 4.36 6.73
CA GLU A 163 -33.79 4.04 7.64
C GLU A 163 -34.43 5.36 8.00
N PHE A 164 -35.74 5.39 8.14
CA PHE A 164 -36.41 6.64 8.45
C PHE A 164 -35.82 7.28 9.69
N LYS A 165 -35.60 8.58 9.60
CA LYS A 165 -35.03 9.29 10.72
C LYS A 165 -33.71 8.64 11.03
N ARG A 166 -32.99 8.27 9.99
CA ARG A 166 -31.70 7.65 10.21
C ARG A 166 -30.73 8.04 9.13
N ALA A 167 -29.46 7.98 9.45
CA ALA A 167 -28.46 8.27 8.45
C ALA A 167 -28.51 7.03 7.59
N PRO A 168 -28.21 7.12 6.31
CA PRO A 168 -28.30 5.92 5.50
C PRO A 168 -27.24 4.93 5.86
N ALA A 169 -27.61 3.66 6.00
CA ALA A 169 -26.66 2.65 6.33
C ALA A 169 -27.00 1.32 5.68
N PHE A 170 -27.91 1.33 4.74
CA PHE A 170 -28.31 0.10 4.08
C PHE A 170 -27.88 0.07 2.64
N TYR A 171 -27.33 -1.05 2.23
CA TYR A 171 -26.82 -1.16 0.89
C TYR A 171 -27.22 -2.46 0.27
N ALA A 172 -27.40 -2.45 -1.04
CA ALA A 172 -27.82 -3.63 -1.78
C ALA A 172 -27.44 -3.51 -3.25
N LEU A 173 -27.34 -4.64 -3.93
CA LEU A 173 -27.09 -4.66 -5.37
C LEU A 173 -28.29 -4.08 -6.11
N ARG A 174 -28.02 -3.17 -7.03
CA ARG A 174 -29.09 -2.55 -7.81
C ARG A 174 -29.69 -3.56 -8.77
N HIS A 175 -28.91 -4.57 -9.12
CA HIS A 175 -29.34 -5.62 -10.03
C HIS A 175 -28.89 -6.99 -9.51
N SER A 176 -29.42 -8.05 -10.11
CA SER A 176 -29.21 -9.39 -9.59
C SER A 176 -27.88 -10.02 -10.02
N GLY A 177 -27.11 -9.30 -10.82
CA GLY A 177 -25.88 -9.84 -11.39
C GLY A 177 -24.73 -10.03 -10.41
N PRO A 178 -23.85 -10.99 -10.72
CA PRO A 178 -22.61 -11.26 -9.99
C PRO A 178 -21.55 -10.19 -10.27
N PRO A 179 -20.47 -10.16 -9.47
CA PRO A 179 -19.40 -9.16 -9.64
C PRO A 179 -18.89 -9.04 -11.08
N HIS A 180 -18.69 -7.81 -11.54
CA HIS A 180 -18.16 -7.55 -12.87
C HIS A 180 -16.71 -7.98 -12.97
N ILE A 181 -16.43 -8.93 -13.87
CA ILE A 181 -15.08 -9.42 -14.07
C ILE A 181 -14.66 -9.20 -15.52
N PRO A 182 -13.52 -8.51 -15.72
CA PRO A 182 -13.02 -8.24 -17.07
C PRO A 182 -12.67 -9.52 -17.81
N LYS A 183 -13.04 -9.59 -19.08
CA LYS A 183 -12.77 -10.77 -19.89
C LYS A 183 -11.34 -10.78 -20.39
N VAL A 184 -10.68 -11.91 -20.21
CA VAL A 184 -9.33 -12.09 -20.71
C VAL A 184 -9.30 -13.18 -21.79
N PHE A 185 -9.24 -12.76 -23.04
CA PHE A 185 -9.12 -13.69 -24.16
C PHE A 185 -7.80 -13.48 -24.89
N LEU A 186 -6.99 -14.52 -24.95
CA LEU A 186 -5.71 -14.44 -25.65
C LEU A 186 -5.75 -15.21 -26.96
N GLU A 187 -4.97 -14.77 -27.94
CA GLU A 187 -4.81 -15.52 -29.17
C GLU A 187 -4.08 -16.82 -28.84
N PRO A 188 -4.60 -17.95 -29.36
CA PRO A 188 -4.11 -19.29 -29.01
C PRO A 188 -2.61 -19.53 -29.23
N HIS A 189 -1.97 -18.69 -30.03
CA HIS A 189 -0.54 -18.87 -30.31
C HIS A 189 0.35 -18.10 -29.33
N GLU A 190 -0.24 -17.10 -28.68
CA GLU A 190 0.52 -16.22 -27.79
C GLU A 190 1.01 -16.94 -26.53
N GLU A 191 2.23 -16.62 -26.11
CA GLU A 191 2.79 -17.17 -24.89
C GLU A 191 2.07 -16.57 -23.67
N LEU A 192 2.03 -17.34 -22.58
CA LEU A 192 1.37 -16.88 -21.36
C LEU A 192 2.38 -16.56 -20.26
N SER A 193 2.37 -15.32 -19.79
CA SER A 193 3.20 -14.90 -18.67
C SER A 193 2.57 -13.70 -17.97
N ASP A 194 2.95 -13.49 -16.71
CA ASP A 194 2.37 -12.44 -15.88
C ASP A 194 2.54 -11.05 -16.51
N GLU A 195 3.73 -10.78 -17.04
CA GLU A 195 4.03 -9.49 -17.62
C GLU A 195 3.14 -9.19 -18.83
N LEU A 196 2.71 -10.25 -19.52
CA LEU A 196 1.89 -10.09 -20.72
C LEU A 196 0.44 -9.78 -20.38
N LEU A 197 -0.10 -10.44 -19.35
CA LEU A 197 -1.46 -10.16 -18.90
C LEU A 197 -1.59 -8.75 -18.32
N GLU A 198 -0.58 -8.35 -17.55
CA GLU A 198 -0.60 -7.05 -16.88
C GLU A 198 -0.59 -5.91 -17.88
N LYS A 199 0.23 -6.02 -18.91
CA LYS A 199 0.35 -4.97 -19.92
C LYS A 199 -0.88 -4.92 -20.83
N ARG A 200 -1.44 -6.09 -21.13
CA ARG A 200 -2.56 -6.19 -22.06
C ARG A 200 -3.90 -5.80 -21.46
N PHE A 201 -4.18 -6.26 -20.25
CA PHE A 201 -5.50 -6.10 -19.66
C PHE A 201 -5.52 -5.23 -18.41
N LYS A 202 -4.40 -4.55 -18.16
CA LYS A 202 -4.26 -3.64 -17.02
C LYS A 202 -4.63 -4.31 -15.69
N LEU A 203 -4.25 -5.57 -15.55
CA LEU A 203 -4.55 -6.33 -14.34
C LEU A 203 -3.32 -6.51 -13.47
N MET A 204 -3.55 -6.83 -12.20
CA MET A 204 -2.46 -7.15 -11.30
C MET A 204 -2.61 -8.60 -10.90
N LEU A 205 -1.49 -9.30 -10.79
CA LEU A 205 -1.54 -10.74 -10.59
C LEU A 205 -0.93 -11.19 -9.27
N MET A 206 -1.55 -12.19 -8.66
CA MET A 206 -1.13 -12.74 -7.38
C MET A 206 -1.06 -14.24 -7.52
N PRO A 207 -0.21 -14.89 -6.60
CA PRO A 207 -0.25 -16.36 -6.72
C PRO A 207 -1.52 -16.95 -6.12
N GLU A 208 -1.91 -18.13 -6.58
CA GLU A 208 -3.06 -18.84 -6.02
C GLU A 208 -2.72 -19.67 -4.79
N GLU A 209 -3.72 -19.98 -3.98
CA GLU A 209 -3.53 -20.69 -2.72
C GLU A 209 -2.91 -22.07 -2.95
N ARG B 22 -37.78 2.57 6.62
CA ARG B 22 -36.96 1.37 6.50
C ARG B 22 -36.31 1.26 5.12
N VAL B 23 -37.13 1.38 4.10
CA VAL B 23 -36.65 1.11 2.77
C VAL B 23 -36.95 2.31 1.92
N ASN B 24 -36.18 3.35 2.14
CA ASN B 24 -36.23 4.47 1.26
C ASN B 24 -34.93 4.47 0.54
N GLU B 25 -35.01 4.38 -0.78
CA GLU B 25 -33.85 4.38 -1.61
C GLU B 25 -33.36 5.79 -1.70
N GLU B 26 -32.09 5.96 -1.41
CA GLU B 26 -31.50 7.26 -1.49
C GLU B 26 -31.12 7.47 -2.91
N GLN B 27 -31.65 8.50 -3.53
CA GLN B 27 -31.30 8.83 -4.91
C GLN B 27 -30.19 9.88 -4.97
N ILE B 28 -29.16 9.59 -5.75
CA ILE B 28 -28.09 10.55 -5.97
C ILE B 28 -28.62 11.74 -6.76
N TYR B 29 -27.97 12.88 -6.64
CA TYR B 29 -28.44 14.10 -7.29
C TYR B 29 -27.36 14.76 -8.14
N CYS B 30 -27.79 15.34 -9.26
CA CYS B 30 -26.92 16.16 -10.07
C CYS B 30 -26.73 17.51 -9.39
N TYR B 31 -25.79 18.31 -9.88
CA TYR B 31 -25.53 19.61 -9.29
C TYR B 31 -26.70 20.57 -9.49
N CYS B 32 -27.60 20.21 -10.39
CA CYS B 32 -28.81 20.99 -10.64
C CYS B 32 -29.78 20.88 -9.46
N GLY B 33 -29.66 19.80 -8.71
CA GLY B 33 -30.50 19.58 -7.54
C GLY B 33 -31.55 18.52 -7.74
N LYS B 34 -31.75 18.11 -9.00
CA LYS B 34 -32.75 17.11 -9.33
C LYS B 34 -32.14 15.72 -9.45
N PRO B 35 -32.89 14.68 -9.08
CA PRO B 35 -32.42 13.30 -9.20
C PRO B 35 -32.42 12.81 -10.65
N GLY B 36 -32.01 11.55 -10.86
CA GLY B 36 -31.98 10.98 -12.19
C GLY B 36 -31.67 9.50 -12.20
N LYS B 37 -31.63 8.91 -13.38
CA LYS B 37 -31.33 7.49 -13.54
C LYS B 37 -30.02 7.30 -14.30
N PHE B 38 -29.24 6.30 -13.87
CA PHE B 38 -27.92 6.06 -14.44
C PHE B 38 -27.99 5.60 -15.90
N ASP B 39 -28.87 4.65 -16.17
CA ASP B 39 -29.02 4.11 -17.52
C ASP B 39 -29.92 4.97 -18.38
N HIS B 40 -30.18 6.20 -17.94
CA HIS B 40 -31.04 7.11 -18.68
C HIS B 40 -30.41 8.51 -18.77
N ASN B 41 -29.47 8.66 -19.70
CA ASN B 41 -28.82 9.94 -19.97
C ASN B 41 -28.16 10.59 -18.75
N MET B 42 -27.26 9.85 -18.11
CA MET B 42 -26.45 10.39 -17.03
C MET B 42 -25.02 9.88 -17.12
N LEU B 43 -24.06 10.77 -16.92
CA LEU B 43 -22.65 10.39 -16.94
C LEU B 43 -21.94 10.78 -15.65
N GLN B 44 -20.89 10.05 -15.31
CA GLN B 44 -20.13 10.30 -14.10
C GLN B 44 -18.77 10.88 -14.44
N CYS B 45 -18.43 12.02 -13.82
CA CYS B 45 -17.13 12.64 -14.04
C CYS B 45 -16.01 11.70 -13.60
N CYS B 46 -14.97 11.58 -14.40
CA CYS B 46 -13.83 10.78 -13.99
C CYS B 46 -13.04 11.36 -12.80
N LYS B 47 -12.80 12.65 -12.79
CA LYS B 47 -12.11 13.28 -11.65
C LYS B 47 -12.82 13.48 -10.30
N CYS B 48 -14.05 13.99 -10.31
CA CYS B 48 -14.80 14.32 -9.11
C CYS B 48 -15.78 13.21 -8.73
N ARG B 49 -16.06 12.33 -9.69
CA ARG B 49 -16.91 11.16 -9.50
C ARG B 49 -18.36 11.53 -9.16
N ASN B 50 -18.76 12.75 -9.50
CA ASN B 50 -20.16 13.15 -9.36
C ASN B 50 -20.95 12.78 -10.61
N TRP B 51 -22.26 12.64 -10.46
CA TRP B 51 -23.12 12.29 -11.58
C TRP B 51 -23.81 13.53 -12.16
N PHE B 52 -23.99 13.54 -13.47
CA PHE B 52 -24.54 14.70 -14.16
C PHE B 52 -25.62 14.30 -15.16
N HIS B 53 -26.67 15.10 -15.25
CA HIS B 53 -27.62 14.96 -16.34
C HIS B 53 -26.95 15.44 -17.61
N THR B 54 -27.20 14.78 -18.73
CA THR B 54 -26.59 15.18 -19.98
C THR B 54 -27.05 16.57 -20.35
N GLN B 55 -28.32 16.85 -20.11
CA GLN B 55 -28.87 18.16 -20.37
C GLN B 55 -28.16 19.17 -19.48
N CYS B 56 -27.90 18.79 -18.24
CA CYS B 56 -27.23 19.68 -17.29
C CYS B 56 -25.75 19.83 -17.64
N MET B 57 -25.33 19.17 -18.71
CA MET B 57 -23.97 19.32 -19.22
C MET B 57 -23.91 20.41 -20.28
N GLN B 58 -22.71 20.82 -20.65
CA GLN B 58 -22.53 21.85 -21.67
C GLN B 58 -22.34 21.23 -23.05
N ASN B 59 -23.30 21.47 -23.94
CA ASN B 59 -23.24 20.94 -25.29
C ASN B 59 -23.20 19.43 -25.41
N PHE B 60 -23.92 18.73 -24.55
CA PHE B 60 -24.17 17.32 -24.81
C PHE B 60 -25.64 17.17 -25.14
N LYS B 61 -25.94 16.96 -26.42
CA LYS B 61 -27.32 16.80 -26.86
C LYS B 61 -27.48 15.64 -27.82
N LYS B 62 -27.30 14.43 -27.34
CA LYS B 62 -27.49 13.26 -28.16
C LYS B 62 -28.42 12.30 -27.47
N LYS B 63 -29.37 11.75 -28.21
CA LYS B 63 -30.23 10.74 -27.64
C LYS B 63 -29.37 9.52 -27.35
N LEU B 64 -29.56 8.92 -26.19
CA LEU B 64 -28.75 7.80 -25.77
C LEU B 64 -29.60 6.57 -25.55
N LEU B 65 -29.21 5.47 -26.18
CA LEU B 65 -29.90 4.19 -25.96
C LEU B 65 -29.81 3.80 -24.49
N ARG B 66 -30.86 3.18 -23.98
CA ARG B 66 -30.90 2.83 -22.56
C ARG B 66 -29.81 1.83 -22.21
N GLY B 67 -28.91 2.23 -21.32
CA GLY B 67 -27.80 1.39 -20.91
C GLY B 67 -26.48 1.82 -21.53
N ASP B 68 -26.55 2.68 -22.54
CA ASP B 68 -25.37 3.10 -23.25
C ASP B 68 -24.71 4.28 -22.58
N MET B 69 -23.66 4.00 -21.83
CA MET B 69 -22.92 5.01 -21.12
C MET B 69 -21.46 5.02 -21.49
N PHE B 70 -21.14 4.57 -22.69
CA PHE B 70 -19.76 4.32 -23.03
C PHE B 70 -19.08 5.61 -23.42
N PHE B 71 -18.79 6.42 -22.41
CA PHE B 71 -18.15 7.71 -22.58
C PHE B 71 -17.15 7.94 -21.46
N VAL B 72 -16.17 8.79 -21.72
CA VAL B 72 -15.28 9.29 -20.69
C VAL B 72 -15.60 10.76 -20.47
N PHE B 73 -16.07 11.10 -19.28
CA PHE B 73 -16.53 12.45 -19.02
C PHE B 73 -15.77 13.14 -17.88
N CYS B 74 -15.46 14.41 -18.09
CA CYS B 74 -14.86 15.26 -17.08
C CYS B 74 -15.55 16.62 -17.09
N CYS B 75 -16.11 17.01 -15.95
CA CYS B 75 -16.90 18.24 -15.87
C CYS B 75 -16.04 19.50 -15.96
N THR B 76 -16.69 20.65 -16.01
CA THR B 76 -16.01 21.93 -16.12
C THR B 76 -15.24 22.28 -14.85
N VAL B 77 -15.70 21.76 -13.71
CA VAL B 77 -15.04 22.03 -12.44
C VAL B 77 -13.69 21.34 -12.37
N CYS B 78 -13.65 20.09 -12.79
CA CYS B 78 -12.44 19.27 -12.70
C CYS B 78 -11.49 19.49 -13.87
N ASN B 79 -12.00 20.06 -14.95
CA ASN B 79 -11.20 20.22 -16.16
C ASN B 79 -11.00 21.68 -16.56
N ASN B 80 -10.76 22.53 -15.56
CA ASN B 80 -10.42 23.94 -15.77
C ASN B 80 -11.42 24.71 -16.64
N GLY B 81 -12.71 24.44 -16.45
CA GLY B 81 -13.74 25.16 -17.15
C GLY B 81 -14.08 24.62 -18.53
N ILE B 82 -13.37 23.59 -18.96
CA ILE B 82 -13.59 22.99 -20.27
C ILE B 82 -14.15 21.58 -20.16
N GLU B 83 -15.41 21.40 -20.56
CA GLU B 83 -16.06 20.10 -20.47
C GLU B 83 -15.37 19.09 -21.39
N PHE B 84 -15.11 17.90 -20.87
CA PHE B 84 -14.42 16.87 -21.63
C PHE B 84 -15.28 15.64 -21.83
N VAL B 85 -15.67 15.40 -23.08
CA VAL B 85 -16.40 14.18 -23.42
C VAL B 85 -15.67 13.40 -24.49
N ARG B 86 -15.56 12.09 -24.29
CA ARG B 86 -15.05 11.23 -25.34
C ARG B 86 -15.87 9.96 -25.44
N ARG B 87 -16.26 9.63 -26.66
CA ARG B 87 -16.98 8.39 -26.94
C ARG B 87 -16.03 7.20 -26.97
N MET B 88 -16.40 6.13 -26.25
CA MET B 88 -15.61 4.90 -26.25
C MET B 88 -15.88 4.08 -27.50
N GLN B 89 -14.90 3.28 -27.90
CA GLN B 89 -15.10 2.30 -28.95
C GLN B 89 -15.51 0.98 -28.32
N ILE B 90 -16.68 0.47 -28.70
CA ILE B 90 -17.27 -0.68 -28.04
C ILE B 90 -17.26 -1.93 -28.89
N GLU B 91 -17.14 -3.07 -28.23
CA GLU B 91 -17.19 -4.38 -28.86
C GLU B 91 -18.60 -4.93 -29.08
N TRP B 92 -18.67 -6.07 -29.75
CA TRP B 92 -19.93 -6.72 -30.06
C TRP B 92 -20.71 -7.12 -28.82
N VAL B 93 -20.03 -7.53 -27.77
CA VAL B 93 -20.70 -7.90 -26.54
C VAL B 93 -21.47 -6.70 -26.00
N ASP B 94 -20.87 -5.52 -26.09
CA ASP B 94 -21.51 -4.29 -25.68
C ASP B 94 -22.76 -3.97 -26.51
N VAL B 95 -22.67 -4.20 -27.80
CA VAL B 95 -23.80 -4.02 -28.71
C VAL B 95 -24.94 -4.99 -28.37
N LEU B 96 -24.57 -6.24 -28.11
CA LEU B 96 -25.54 -7.28 -27.78
C LEU B 96 -26.23 -7.01 -26.44
N HIS B 97 -25.45 -6.56 -25.46
CA HIS B 97 -26.00 -6.26 -24.15
C HIS B 97 -26.93 -5.05 -24.24
N ILE B 98 -26.53 -4.05 -25.01
CA ILE B 98 -27.37 -2.88 -25.26
C ILE B 98 -28.66 -3.29 -25.95
N ALA B 99 -28.55 -4.19 -26.93
CA ALA B 99 -29.71 -4.67 -27.67
C ALA B 99 -30.70 -5.38 -26.76
N LEU B 100 -30.20 -6.33 -25.97
CA LEU B 100 -31.05 -7.12 -25.08
C LEU B 100 -31.62 -6.29 -23.94
N TYR B 101 -30.92 -5.24 -23.55
CA TYR B 101 -31.35 -4.39 -22.44
C TYR B 101 -32.49 -3.48 -22.85
N ASN B 102 -32.41 -2.93 -24.06
CA ASN B 102 -33.43 -2.04 -24.58
C ASN B 102 -34.68 -2.78 -25.05
N LEU B 103 -34.48 -3.95 -25.63
CA LEU B 103 -35.60 -4.75 -26.11
C LEU B 103 -36.46 -5.27 -24.96
N ARG B 104 -35.84 -6.04 -24.07
CA ARG B 104 -36.55 -6.74 -22.99
C ARG B 104 -37.48 -5.85 -22.17
N LYS B 105 -37.05 -4.61 -21.91
CA LYS B 105 -37.87 -3.68 -21.15
C LYS B 105 -39.13 -3.30 -21.90
N GLN B 107 -39.70 -6.09 -23.31
CA GLN B 107 -40.54 -6.32 -24.47
C GLN B 107 -41.55 -7.43 -24.20
N HIS B 108 -41.96 -7.55 -22.96
CA HIS B 108 -43.08 -8.41 -22.61
C HIS B 108 -42.82 -9.79 -23.13
N LYS B 110 -39.94 -13.37 -22.42
CA LYS B 110 -38.84 -13.98 -21.69
C LYS B 110 -37.44 -13.91 -22.33
N TYR B 111 -37.38 -14.18 -23.62
CA TYR B 111 -36.16 -14.32 -24.35
C TYR B 111 -36.38 -13.52 -25.58
N HIS B 112 -35.43 -13.54 -26.47
CA HIS B 112 -35.49 -12.82 -27.74
C HIS B 112 -34.86 -13.65 -28.84
N HIS B 113 -35.61 -13.86 -29.92
CA HIS B 113 -35.10 -14.62 -31.06
C HIS B 113 -33.97 -13.85 -31.73
N LEU B 114 -32.84 -14.53 -31.96
CA LEU B 114 -31.66 -13.90 -32.52
C LEU B 114 -31.95 -13.27 -33.88
N LEU B 115 -32.52 -14.06 -34.79
CA LEU B 115 -32.82 -13.59 -36.15
C LEU B 115 -33.96 -12.58 -36.18
N ASN B 116 -34.99 -12.81 -35.38
CA ASN B 116 -36.21 -12.01 -35.45
C ASN B 116 -36.15 -10.71 -34.65
N ASP B 117 -35.49 -10.73 -33.50
CA ASP B 117 -35.51 -9.58 -32.60
C ASP B 117 -34.19 -8.89 -32.29
N ILE B 118 -33.10 -9.65 -32.33
CA ILE B 118 -31.78 -9.12 -31.98
C ILE B 118 -31.13 -8.67 -33.28
N TRP B 119 -31.19 -9.54 -34.29
CA TRP B 119 -30.58 -9.27 -35.60
C TRP B 119 -31.05 -7.96 -36.26
N PRO B 120 -32.35 -7.73 -36.31
CA PRO B 120 -32.85 -6.51 -36.94
C PRO B 120 -32.37 -5.27 -36.20
N PHE B 121 -32.44 -5.32 -34.89
CA PHE B 121 -32.17 -4.15 -34.07
C PHE B 121 -30.73 -3.66 -34.21
N ILE B 122 -29.79 -4.59 -34.21
CA ILE B 122 -28.39 -4.25 -34.40
C ILE B 122 -28.20 -3.66 -35.78
N LEU B 123 -28.88 -4.23 -36.75
CA LEU B 123 -28.79 -3.76 -38.12
C LEU B 123 -29.31 -2.32 -38.19
N GLU B 124 -30.38 -2.04 -37.45
CA GLU B 124 -30.92 -0.69 -37.41
C GLU B 124 -29.92 0.28 -36.85
N GLN B 125 -29.25 -0.11 -35.76
CA GLN B 125 -28.38 0.80 -35.04
C GLN B 125 -26.90 0.70 -35.39
N ARG B 126 -26.56 -0.11 -36.37
CA ARG B 126 -25.16 -0.36 -36.66
C ARG B 126 -24.48 0.94 -37.03
N HIS B 127 -25.18 1.77 -37.79
CA HIS B 127 -24.66 3.03 -38.26
C HIS B 127 -24.34 3.93 -37.08
N GLN B 128 -25.18 3.85 -36.07
CA GLN B 128 -25.15 4.78 -34.95
C GLN B 128 -24.16 4.36 -33.86
N LEU B 129 -23.95 3.05 -33.74
CA LEU B 129 -23.08 2.49 -32.70
C LEU B 129 -21.63 2.91 -32.88
N PRO B 130 -20.93 3.12 -31.75
CA PRO B 130 -19.50 3.48 -31.77
C PRO B 130 -18.58 2.26 -31.92
N ILE B 131 -18.53 1.70 -33.12
CA ILE B 131 -17.66 0.57 -33.40
C ILE B 131 -16.70 0.88 -34.54
N CYS B 132 -15.71 0.00 -34.74
CA CYS B 132 -14.72 0.19 -35.79
C CYS B 132 -15.35 0.05 -37.17
N GLU B 133 -14.66 0.53 -38.21
CA GLU B 133 -15.18 0.43 -39.56
C GLU B 133 -15.32 -1.02 -39.99
N LYS B 134 -14.39 -1.84 -39.56
CA LYS B 134 -14.42 -3.25 -39.92
C LYS B 134 -15.73 -3.90 -39.45
N TRP B 135 -16.10 -3.61 -38.21
CA TRP B 135 -17.38 -4.06 -37.67
C TRP B 135 -18.55 -3.45 -38.41
N ARG B 136 -18.41 -2.16 -38.75
CA ARG B 136 -19.48 -1.40 -39.36
C ARG B 136 -19.83 -1.93 -40.76
N THR B 137 -18.81 -2.32 -41.51
CA THR B 137 -18.99 -2.73 -42.89
C THR B 137 -18.87 -4.24 -43.09
N LEU B 138 -18.98 -4.98 -41.98
CA LEU B 138 -18.82 -6.42 -42.03
C LEU B 138 -20.03 -7.10 -42.67
N PRO B 139 -19.77 -8.06 -43.59
CA PRO B 139 -20.81 -8.86 -44.24
C PRO B 139 -21.75 -9.53 -43.24
N GLU B 140 -23.01 -9.71 -43.63
CA GLU B 140 -24.04 -10.17 -42.69
C GLU B 140 -23.87 -11.61 -42.23
N THR B 141 -23.43 -12.48 -43.13
CA THR B 141 -23.19 -13.88 -42.76
C THR B 141 -22.03 -13.98 -41.78
N ALA B 142 -20.96 -13.22 -42.03
CA ALA B 142 -19.81 -13.19 -41.14
C ALA B 142 -20.19 -12.53 -39.82
N LEU B 143 -21.15 -11.61 -39.89
CA LEU B 143 -21.64 -10.91 -38.71
C LEU B 143 -22.46 -11.83 -37.83
N MET B 144 -23.27 -12.68 -38.46
CA MET B 144 -24.10 -13.64 -37.74
C MET B 144 -23.27 -14.61 -36.91
N GLU B 145 -22.25 -15.19 -37.54
CA GLU B 145 -21.38 -16.15 -36.87
C GLU B 145 -20.59 -15.48 -35.75
N ARG B 146 -20.17 -14.24 -35.99
CA ARG B 146 -19.44 -13.48 -34.98
C ARG B 146 -20.32 -13.21 -33.77
N LEU B 147 -21.60 -12.92 -34.02
CA LEU B 147 -22.55 -12.66 -32.94
C LEU B 147 -22.90 -13.93 -32.17
N LYS B 148 -23.03 -15.03 -32.91
CA LYS B 148 -23.32 -16.33 -32.29
C LYS B 148 -22.21 -16.73 -31.33
N GLN B 149 -20.96 -16.54 -31.76
CA GLN B 149 -19.81 -16.92 -30.96
C GLN B 149 -19.64 -16.02 -29.75
N THR B 150 -19.90 -14.73 -29.94
CA THR B 150 -19.80 -13.76 -28.85
C THR B 150 -20.74 -14.11 -27.70
N LEU B 151 -21.97 -14.49 -28.06
CA LEU B 151 -22.97 -14.89 -27.08
C LEU B 151 -22.55 -16.15 -26.34
N LYS B 152 -21.76 -16.99 -27.01
CA LYS B 152 -21.21 -18.19 -26.39
C LYS B 152 -20.07 -17.85 -25.42
N ASP B 153 -19.14 -17.03 -25.90
CA ASP B 153 -17.99 -16.61 -25.10
C ASP B 153 -18.44 -15.86 -23.85
N TYR B 154 -19.55 -15.16 -23.97
CA TYR B 154 -20.12 -14.42 -22.84
C TYR B 154 -21.34 -15.11 -22.22
N SER B 155 -21.30 -16.44 -22.17
CA SER B 155 -22.38 -17.22 -21.57
C SER B 155 -22.73 -16.79 -20.15
N ASP B 156 -21.79 -16.12 -19.49
CA ASP B 156 -22.00 -15.64 -18.14
C ASP B 156 -23.02 -14.50 -18.12
N ARG B 157 -23.06 -13.70 -19.16
CA ARG B 157 -24.03 -12.62 -19.26
C ARG B 157 -25.25 -12.98 -20.07
N PHE B 158 -25.13 -13.92 -20.97
CA PHE B 158 -26.23 -14.27 -21.86
C PHE B 158 -26.66 -15.74 -21.73
N VAL B 159 -27.96 -15.95 -21.52
CA VAL B 159 -28.52 -17.29 -21.56
C VAL B 159 -28.95 -17.63 -22.97
N CYS B 160 -28.68 -18.86 -23.38
CA CYS B 160 -29.14 -19.34 -24.68
C CYS B 160 -30.39 -20.18 -24.51
N GLY B 161 -31.40 -19.93 -25.33
CA GLY B 161 -32.64 -20.66 -25.25
C GLY B 161 -32.93 -21.46 -26.51
N ARG B 162 -33.45 -22.68 -26.33
CA ARG B 162 -33.74 -23.55 -27.47
C ARG B 162 -35.21 -23.97 -27.48
N GLU B 163 -35.82 -23.93 -28.65
CA GLU B 163 -37.19 -24.41 -28.82
C GLU B 163 -37.21 -25.93 -29.00
N PHE B 164 -38.37 -26.53 -28.75
CA PHE B 164 -38.53 -27.97 -28.90
C PHE B 164 -38.30 -28.40 -30.34
N LYS B 165 -37.42 -29.39 -30.53
CA LYS B 165 -37.08 -29.92 -31.84
C LYS B 165 -36.58 -28.83 -32.78
N ARG B 166 -35.95 -27.80 -32.21
CA ARG B 166 -35.41 -26.70 -32.99
C ARG B 166 -34.01 -26.33 -32.49
N ALA B 167 -33.17 -25.87 -33.40
CA ALA B 167 -31.84 -25.40 -33.03
C ALA B 167 -32.01 -24.15 -32.19
N PRO B 168 -31.06 -23.95 -31.17
CA PRO B 168 -31.36 -22.78 -30.33
C PRO B 168 -31.17 -21.46 -31.04
N ALA B 169 -32.18 -20.60 -30.97
CA ALA B 169 -32.09 -19.27 -31.57
C ALA B 169 -32.45 -18.16 -30.59
N PHE B 170 -32.56 -18.50 -29.31
CA PHE B 170 -33.06 -17.54 -28.32
C PHE B 170 -32.01 -17.12 -27.30
N TYR B 171 -31.95 -15.82 -27.04
CA TYR B 171 -31.01 -15.29 -26.08
C TYR B 171 -31.64 -14.29 -25.12
N ALA B 172 -31.07 -14.20 -23.94
CA ALA B 172 -31.55 -13.28 -22.92
C ALA B 172 -30.43 -13.00 -21.92
N LEU B 173 -30.51 -11.83 -21.28
CA LEU B 173 -29.58 -11.51 -20.21
C LEU B 173 -29.80 -12.45 -19.04
N ARG B 174 -28.73 -13.00 -18.49
CA ARG B 174 -28.84 -13.93 -17.37
C ARG B 174 -29.29 -13.19 -16.12
N HIS B 175 -29.01 -11.89 -16.09
CA HIS B 175 -29.38 -11.05 -14.96
C HIS B 175 -29.92 -9.71 -15.44
N SER B 176 -30.50 -8.95 -14.51
CA SER B 176 -31.27 -7.76 -14.85
C SER B 176 -30.42 -6.55 -15.26
N GLY B 177 -29.14 -6.56 -14.87
CA GLY B 177 -28.28 -5.40 -15.02
C GLY B 177 -28.08 -4.86 -16.42
N PRO B 178 -27.64 -3.58 -16.50
CA PRO B 178 -27.28 -2.87 -17.74
C PRO B 178 -25.90 -3.30 -18.25
N PRO B 179 -25.50 -2.83 -19.44
CA PRO B 179 -24.18 -3.18 -19.98
C PRO B 179 -23.02 -2.91 -19.02
N HIS B 180 -22.10 -3.85 -18.94
CA HIS B 180 -20.92 -3.64 -18.14
C HIS B 180 -20.14 -2.54 -18.83
N ILE B 181 -19.70 -1.58 -18.04
CA ILE B 181 -18.82 -0.51 -18.54
C ILE B 181 -17.67 -0.28 -17.57
N PRO B 182 -16.43 -0.26 -18.07
CA PRO B 182 -15.26 -0.06 -17.22
C PRO B 182 -15.24 1.32 -16.56
N LYS B 183 -14.98 1.35 -15.27
CA LYS B 183 -14.92 2.61 -14.52
C LYS B 183 -13.61 3.33 -14.76
N VAL B 184 -13.70 4.62 -15.04
CA VAL B 184 -12.52 5.44 -15.26
C VAL B 184 -12.42 6.52 -14.18
N PHE B 185 -11.50 6.32 -13.24
CA PHE B 185 -11.24 7.31 -12.20
C PHE B 185 -9.82 7.86 -12.30
N LEU B 186 -9.71 9.15 -12.58
CA LEU B 186 -8.41 9.80 -12.68
C LEU B 186 -8.07 10.55 -11.39
N GLU B 187 -6.79 10.70 -11.12
CA GLU B 187 -6.35 11.58 -10.05
C GLU B 187 -6.52 13.02 -10.52
N PRO B 188 -6.86 13.93 -9.61
CA PRO B 188 -7.18 15.32 -9.96
C PRO B 188 -6.08 16.05 -10.72
N HIS B 189 -4.83 15.65 -10.51
CA HIS B 189 -3.69 16.34 -11.09
C HIS B 189 -3.26 15.76 -12.44
N GLU B 190 -3.90 14.67 -12.85
CA GLU B 190 -3.51 13.96 -14.06
C GLU B 190 -3.99 14.64 -15.34
N GLU B 191 -3.20 14.52 -16.41
CA GLU B 191 -3.59 15.01 -17.72
C GLU B 191 -4.73 14.16 -18.28
N LEU B 192 -5.50 14.73 -19.21
CA LEU B 192 -6.65 14.03 -19.76
C LEU B 192 -6.39 13.55 -21.19
N SER B 193 -5.14 13.19 -21.47
CA SER B 193 -4.78 12.75 -22.82
C SER B 193 -5.45 11.42 -23.17
N ASP B 194 -5.76 11.25 -24.45
CA ASP B 194 -6.28 9.98 -24.95
C ASP B 194 -5.22 8.90 -24.76
N GLU B 195 -3.96 9.31 -24.82
CA GLU B 195 -2.83 8.41 -24.62
C GLU B 195 -2.87 7.78 -23.24
N LEU B 196 -3.17 8.58 -22.23
CA LEU B 196 -3.20 8.11 -20.85
C LEU B 196 -4.37 7.16 -20.60
N LEU B 197 -5.53 7.50 -21.16
CA LEU B 197 -6.73 6.69 -21.01
C LEU B 197 -6.55 5.30 -21.61
N GLU B 198 -5.78 5.23 -22.69
CA GLU B 198 -5.56 3.96 -23.39
C GLU B 198 -4.45 3.13 -22.73
N LYS B 199 -3.48 3.82 -22.14
CA LYS B 199 -2.38 3.12 -21.46
C LYS B 199 -2.79 2.61 -20.09
N ARG B 200 -3.62 3.38 -19.39
CA ARG B 200 -3.99 3.06 -18.02
C ARG B 200 -5.21 2.14 -17.92
N PHE B 201 -6.23 2.43 -18.72
CA PHE B 201 -7.52 1.77 -18.57
C PHE B 201 -7.83 0.77 -19.68
N LYS B 202 -6.88 0.60 -20.60
CA LYS B 202 -7.03 -0.31 -21.73
C LYS B 202 -8.30 -0.02 -22.52
N LEU B 203 -8.54 1.26 -22.80
CA LEU B 203 -9.73 1.68 -23.52
C LEU B 203 -9.44 1.99 -24.98
N MET B 204 -10.48 1.93 -25.80
CA MET B 204 -10.40 2.38 -27.19
C MET B 204 -11.34 3.56 -27.39
N LEU B 205 -10.86 4.62 -28.01
CA LEU B 205 -11.65 5.82 -28.20
C LEU B 205 -12.00 6.05 -29.67
N MET B 206 -13.25 6.43 -29.92
CA MET B 206 -13.71 6.70 -31.28
C MET B 206 -13.18 8.04 -31.78
N PRO B 207 -12.52 8.01 -32.95
CA PRO B 207 -11.99 9.23 -33.58
C PRO B 207 -13.11 10.05 -34.24
N SER C 16 -12.64 -30.08 37.86
CA SER C 16 -12.37 -28.91 38.67
C SER C 16 -12.17 -27.67 37.80
N TRP C 17 -13.06 -26.70 37.93
CA TRP C 17 -12.95 -25.46 37.18
C TRP C 17 -11.71 -24.63 37.53
N ASP C 18 -11.37 -24.55 38.80
CA ASP C 18 -10.16 -23.85 39.22
C ASP C 18 -8.84 -24.49 38.77
N GLU C 19 -8.76 -25.81 38.89
CA GLU C 19 -7.57 -26.58 38.52
C GLU C 19 -7.21 -26.63 37.03
N LYS C 20 -8.22 -26.78 36.19
CA LYS C 20 -8.02 -27.08 34.77
C LYS C 20 -7.23 -25.99 34.05
N HIS C 21 -6.55 -26.38 32.96
CA HIS C 21 -5.81 -25.44 32.13
C HIS C 21 -6.68 -25.00 30.95
N ARG C 22 -6.45 -23.78 30.46
CA ARG C 22 -7.22 -23.26 29.34
C ARG C 22 -6.28 -22.68 28.28
N VAL C 23 -5.53 -23.57 27.64
CA VAL C 23 -4.47 -23.17 26.72
C VAL C 23 -4.99 -22.86 25.32
N ASN C 24 -4.57 -21.71 24.77
CA ASN C 24 -4.90 -21.34 23.40
C ASN C 24 -3.63 -21.28 22.54
N GLU C 25 -3.78 -21.62 21.26
CA GLU C 25 -2.70 -21.56 20.29
C GLU C 25 -2.31 -20.13 19.94
N GLU C 26 -1.02 -19.89 19.74
CA GLU C 26 -0.59 -18.62 19.17
C GLU C 26 -0.37 -18.78 17.66
N ILE C 28 5.08 -16.85 15.04
CA ILE C 28 3.93 -17.63 14.61
C ILE C 28 3.04 -16.84 13.67
N TYR C 29 3.10 -15.51 13.77
CA TYR C 29 2.34 -14.64 12.89
C TYR C 29 3.25 -13.90 11.94
N CYS C 30 2.68 -13.37 10.86
CA CYS C 30 3.44 -12.56 9.91
C CYS C 30 3.46 -11.10 10.37
N TYR C 31 4.15 -10.25 9.63
CA TYR C 31 4.23 -8.84 9.99
C TYR C 31 2.94 -8.11 9.61
N CYS C 32 2.10 -8.79 8.84
CA CYS C 32 0.82 -8.23 8.43
C CYS C 32 -0.18 -8.26 9.58
N GLY C 33 0.04 -9.17 10.52
CA GLY C 33 -0.85 -9.31 11.67
C GLY C 33 -1.88 -10.41 11.46
N LYS C 34 -1.98 -10.89 10.23
CA LYS C 34 -2.92 -11.95 9.91
C LYS C 34 -2.29 -13.33 10.06
N PRO C 35 -3.03 -14.27 10.67
CA PRO C 35 -2.54 -15.63 10.91
C PRO C 35 -2.43 -16.46 9.62
N GLY C 36 -1.70 -17.56 9.68
CA GLY C 36 -1.53 -18.43 8.54
C GLY C 36 -0.97 -19.79 8.91
N LYS C 37 -0.97 -20.71 7.95
CA LYS C 37 -0.43 -22.05 8.18
C LYS C 37 1.00 -22.15 7.69
N PHE C 38 1.86 -22.75 8.51
CA PHE C 38 3.28 -22.86 8.20
C PHE C 38 3.53 -23.62 6.91
N ASP C 39 2.88 -24.75 6.75
CA ASP C 39 2.97 -25.55 5.53
C ASP C 39 2.33 -24.90 4.29
N HIS C 40 1.40 -23.98 4.49
CA HIS C 40 0.74 -23.30 3.40
C HIS C 40 1.31 -21.91 3.13
N ASN C 41 2.12 -21.77 2.10
CA ASN C 41 2.58 -20.47 1.64
C ASN C 41 3.26 -19.58 2.70
N MET C 42 4.16 -20.14 3.49
CA MET C 42 4.89 -19.36 4.49
C MET C 42 6.36 -19.76 4.53
N LEU C 43 7.23 -18.76 4.57
CA LEU C 43 8.67 -19.01 4.66
C LEU C 43 9.25 -18.35 5.91
N GLN C 44 10.43 -18.81 6.30
CA GLN C 44 11.09 -18.29 7.50
C GLN C 44 12.38 -17.56 7.16
N CYS C 45 12.62 -16.42 7.79
CA CYS C 45 13.85 -15.66 7.56
C CYS C 45 14.99 -16.24 8.36
N CYS C 46 16.17 -16.35 7.76
CA CYS C 46 17.30 -16.82 8.55
C CYS C 46 17.70 -15.85 9.68
N LYS C 47 17.83 -14.57 9.34
CA LYS C 47 18.23 -13.50 10.28
C LYS C 47 17.30 -13.13 11.46
N CYS C 48 15.99 -13.00 11.24
CA CYS C 48 15.10 -12.67 12.33
C CYS C 48 14.28 -13.89 12.75
N ARG C 49 14.24 -14.92 11.91
CA ARG C 49 13.57 -16.13 12.31
C ARG C 49 12.11 -15.84 12.52
N ASN C 50 11.56 -14.95 11.70
CA ASN C 50 10.14 -14.72 11.73
C ASN C 50 9.48 -15.29 10.47
N TRP C 51 8.21 -15.62 10.56
CA TRP C 51 7.51 -16.25 9.44
C TRP C 51 6.78 -15.20 8.59
N PHE C 52 6.92 -15.35 7.27
CA PHE C 52 6.36 -14.40 6.32
C PHE C 52 5.43 -15.09 5.32
N HIS C 53 4.35 -14.40 4.95
CA HIS C 53 3.48 -14.89 3.89
C HIS C 53 4.16 -14.72 2.53
N THR C 54 3.74 -15.50 1.55
CA THR C 54 4.26 -15.37 0.20
C THR C 54 3.69 -14.13 -0.46
N GLN C 55 2.53 -13.69 0.03
CA GLN C 55 1.90 -12.48 -0.47
C GLN C 55 2.50 -11.25 0.22
N CYS C 56 2.75 -11.38 1.51
CA CYS C 56 3.28 -10.27 2.30
C CYS C 56 4.73 -9.96 1.95
N MET C 57 5.39 -10.91 1.28
CA MET C 57 6.75 -10.71 0.79
C MET C 57 6.71 -10.28 -0.67
N GLN C 58 7.42 -9.21 -0.97
CA GLN C 58 7.43 -8.64 -2.32
C GLN C 58 7.97 -9.57 -3.40
N ASN C 59 9.04 -10.28 -3.09
CA ASN C 59 9.74 -11.10 -4.07
C ASN C 59 8.97 -12.27 -4.69
N PHE C 60 8.17 -12.97 -3.89
CA PHE C 60 7.59 -14.24 -4.32
C PHE C 60 6.37 -14.13 -5.21
N LYS C 61 6.44 -14.75 -6.39
CA LYS C 61 5.32 -14.80 -7.32
C LYS C 61 4.84 -16.22 -7.62
N LYS C 62 5.34 -17.21 -6.89
CA LYS C 62 5.09 -18.60 -7.24
C LYS C 62 4.26 -19.34 -6.21
N LYS C 63 3.27 -20.09 -6.69
CA LYS C 63 2.45 -20.94 -5.82
C LYS C 63 3.29 -22.06 -5.25
N LEU C 64 3.03 -22.42 -4.01
CA LEU C 64 3.81 -23.44 -3.33
C LEU C 64 2.96 -24.64 -2.97
N LEU C 65 3.48 -25.82 -3.23
CA LEU C 65 2.77 -27.04 -2.88
C LEU C 65 2.75 -27.13 -1.37
N ARG C 66 1.71 -27.73 -0.80
CA ARG C 66 1.62 -27.80 0.63
C ARG C 66 2.80 -28.61 1.15
N GLY C 67 3.44 -28.07 2.18
CA GLY C 67 4.59 -28.71 2.78
C GLY C 67 5.86 -28.42 2.02
N ASP C 68 5.75 -27.67 0.94
CA ASP C 68 6.93 -27.33 0.18
C ASP C 68 7.44 -26.00 0.68
N MET C 69 8.55 -26.07 1.39
CA MET C 69 9.19 -24.89 1.94
C MET C 69 10.67 -24.83 1.65
N PHE C 70 11.11 -25.49 0.60
CA PHE C 70 12.54 -25.64 0.39
C PHE C 70 13.13 -24.40 -0.28
N PHE C 71 13.24 -23.34 0.51
CA PHE C 71 13.81 -22.08 0.06
C PHE C 71 14.68 -21.47 1.14
N VAL C 72 15.59 -20.59 0.72
CA VAL C 72 16.40 -19.80 1.62
C VAL C 72 15.90 -18.36 1.56
N PHE C 73 15.32 -17.89 2.66
CA PHE C 73 14.68 -16.58 2.69
C PHE C 73 15.30 -15.63 3.70
N CYS C 74 15.37 -14.35 3.34
CA CYS C 74 15.80 -13.31 4.26
C CYS C 74 15.06 -12.02 3.95
N CYS C 75 14.35 -11.51 4.96
CA CYS C 75 13.47 -10.33 4.84
C CYS C 75 14.24 -9.03 4.78
N THR C 76 13.61 -7.99 4.22
CA THR C 76 14.34 -6.77 3.95
C THR C 76 14.94 -6.18 5.23
N VAL C 77 14.20 -6.25 6.33
CA VAL C 77 14.71 -5.77 7.61
C VAL C 77 15.93 -6.55 8.05
N CYS C 78 15.90 -7.86 7.82
CA CYS C 78 17.03 -8.71 8.18
C CYS C 78 18.19 -8.44 7.23
N ASN C 79 17.87 -8.04 6.01
CA ASN C 79 18.85 -7.84 4.96
C ASN C 79 19.08 -6.37 4.64
N ASN C 80 18.78 -5.51 5.60
CA ASN C 80 18.89 -4.08 5.36
C ASN C 80 18.01 -3.58 4.23
N GLY C 81 16.76 -4.01 4.23
CA GLY C 81 15.79 -3.53 3.26
C GLY C 81 15.78 -4.31 1.96
N ILE C 82 16.52 -5.41 1.95
CA ILE C 82 16.55 -6.28 0.79
C ILE C 82 16.02 -7.67 1.12
N GLU C 83 15.29 -8.24 0.17
CA GLU C 83 14.70 -9.55 0.38
C GLU C 83 15.37 -10.57 -0.55
N PHE C 84 15.84 -11.66 0.03
CA PHE C 84 16.55 -12.67 -0.74
C PHE C 84 15.82 -14.00 -0.75
N VAL C 85 15.57 -14.52 -1.95
CA VAL C 85 14.97 -15.82 -2.09
C VAL C 85 15.79 -16.72 -3.01
N ARG C 86 16.01 -17.94 -2.58
CA ARG C 86 16.74 -18.93 -3.38
C ARG C 86 16.11 -20.32 -3.25
N ARG C 87 15.93 -20.97 -4.38
CA ARG C 87 15.30 -22.29 -4.43
C ARG C 87 16.31 -23.40 -4.14
N MET C 88 16.02 -24.20 -3.11
CA MET C 88 16.86 -25.33 -2.75
C MET C 88 16.77 -26.42 -3.81
N GLN C 89 17.87 -27.16 -4.00
CA GLN C 89 17.84 -28.35 -4.82
C GLN C 89 17.51 -29.54 -3.92
N ILE C 90 16.34 -30.14 -4.12
CA ILE C 90 15.87 -31.19 -3.25
C ILE C 90 16.19 -32.57 -3.79
N GLU C 91 16.13 -33.57 -2.91
CA GLU C 91 16.34 -34.96 -3.30
C GLU C 91 15.00 -35.66 -3.51
N TRP C 92 15.05 -36.93 -3.91
CA TRP C 92 13.83 -37.68 -4.22
C TRP C 92 12.98 -37.92 -2.98
N VAL C 93 13.62 -38.01 -1.82
CA VAL C 93 12.91 -38.20 -0.56
C VAL C 93 12.01 -36.99 -0.28
N ASP C 94 12.48 -35.81 -0.66
CA ASP C 94 11.72 -34.58 -0.49
C ASP C 94 10.55 -34.56 -1.45
N VAL C 95 10.81 -34.95 -2.69
CA VAL C 95 9.77 -35.02 -3.73
C VAL C 95 8.65 -35.96 -3.31
N LEU C 96 9.03 -37.16 -2.86
CA LEU C 96 8.06 -38.17 -2.45
C LEU C 96 7.24 -37.72 -1.26
N HIS C 97 7.90 -37.08 -0.29
CA HIS C 97 7.22 -36.62 0.91
C HIS C 97 6.24 -35.50 0.55
N ILE C 98 6.65 -34.61 -0.35
CA ILE C 98 5.77 -33.55 -0.84
C ILE C 98 4.57 -34.16 -1.56
N ALA C 99 4.83 -35.17 -2.37
CA ALA C 99 3.78 -35.83 -3.14
C ALA C 99 2.74 -36.48 -2.22
N LEU C 100 3.22 -37.27 -1.25
CA LEU C 100 2.32 -37.97 -0.34
C LEU C 100 1.58 -37.02 0.60
N TYR C 101 2.24 -35.95 1.00
CA TYR C 101 1.64 -34.97 1.90
C TYR C 101 0.45 -34.27 1.24
N ASN C 102 0.63 -33.90 -0.01
CA ASN C 102 -0.44 -33.35 -0.83
C ASN C 102 -1.56 -34.31 -1.24
N LEU C 103 -1.19 -35.54 -1.59
CA LEU C 103 -2.16 -36.56 -1.96
C LEU C 103 -3.10 -36.94 -0.83
N ARG C 104 -2.56 -37.09 0.37
CA ARG C 104 -3.38 -37.38 1.53
C ARG C 104 -4.31 -36.21 1.86
N LYS C 105 -3.81 -34.99 1.72
CA LYS C 105 -4.64 -33.82 1.95
C LYS C 105 -5.78 -33.73 0.94
N HIS C 106 -5.45 -33.92 -0.32
CA HIS C 106 -6.44 -33.80 -1.39
C HIS C 106 -7.54 -34.84 -1.24
N GLN C 107 -7.14 -36.05 -0.90
CA GLN C 107 -8.09 -37.13 -0.69
C GLN C 107 -7.84 -37.75 0.67
N HIS C 108 -8.89 -38.14 1.36
CA HIS C 108 -8.72 -38.80 2.64
C HIS C 108 -8.46 -40.27 2.39
N GLN C 109 -7.27 -40.58 1.89
CA GLN C 109 -6.88 -41.95 1.62
C GLN C 109 -5.59 -42.28 2.33
N LYS C 110 -5.56 -43.39 3.04
CA LYS C 110 -4.34 -43.81 3.70
C LYS C 110 -3.22 -44.17 2.75
N TYR C 111 -3.53 -44.96 1.72
CA TYR C 111 -2.53 -45.42 0.77
C TYR C 111 -2.67 -44.84 -0.63
N HIS C 112 -1.54 -44.75 -1.33
CA HIS C 112 -1.51 -44.27 -2.69
C HIS C 112 -0.59 -45.14 -3.54
N HIS C 113 -1.07 -45.55 -4.71
CA HIS C 113 -0.30 -46.40 -5.61
C HIS C 113 0.89 -45.62 -6.18
N LEU C 114 2.08 -46.22 -6.12
CA LEU C 114 3.29 -45.56 -6.60
C LEU C 114 3.21 -45.22 -8.09
N LEU C 115 2.81 -46.20 -8.90
CA LEU C 115 2.73 -46.00 -10.34
C LEU C 115 1.50 -45.19 -10.76
N ASN C 116 0.36 -45.59 -10.22
CA ASN C 116 -0.92 -44.94 -10.45
C ASN C 116 -1.19 -43.58 -9.81
N ASP C 117 -0.75 -43.39 -8.57
CA ASP C 117 -1.04 -42.17 -7.82
C ASP C 117 0.13 -41.22 -7.55
N ILE C 118 1.25 -41.75 -7.08
CA ILE C 118 2.38 -40.93 -6.67
C ILE C 118 3.19 -40.41 -7.86
N TRP C 119 3.47 -41.29 -8.80
CA TRP C 119 4.27 -40.95 -9.98
C TRP C 119 3.57 -39.96 -10.92
N PRO C 120 2.26 -40.13 -11.19
CA PRO C 120 1.61 -39.10 -12.02
C PRO C 120 1.58 -37.72 -11.36
N PHE C 121 1.43 -37.68 -10.05
CA PHE C 121 1.46 -36.44 -9.33
C PHE C 121 2.80 -35.73 -9.48
N ILE C 122 3.88 -36.49 -9.43
CA ILE C 122 5.19 -35.94 -9.67
C ILE C 122 5.30 -35.41 -11.10
N LEU C 123 4.73 -36.16 -12.04
CA LEU C 123 4.71 -35.79 -13.44
C LEU C 123 3.93 -34.51 -13.70
N GLU C 124 2.77 -34.40 -13.07
CA GLU C 124 1.92 -33.23 -13.19
C GLU C 124 2.58 -31.97 -12.65
N GLN C 125 3.35 -32.09 -11.58
CA GLN C 125 3.96 -30.94 -10.92
C GLN C 125 5.42 -30.70 -11.30
N ARG C 126 5.92 -31.49 -12.26
CA ARG C 126 7.34 -31.57 -12.57
C ARG C 126 7.93 -30.19 -12.92
N HIS C 127 7.06 -29.28 -13.36
CA HIS C 127 7.49 -27.94 -13.71
C HIS C 127 7.70 -27.09 -12.46
N GLN C 128 7.17 -27.58 -11.33
CA GLN C 128 7.38 -26.94 -10.05
C GLN C 128 8.43 -27.68 -9.24
N LEU C 129 9.10 -28.64 -9.88
CA LEU C 129 10.11 -29.44 -9.21
C LEU C 129 11.49 -28.79 -9.26
N PRO C 130 12.08 -28.58 -8.07
CA PRO C 130 13.45 -28.06 -7.91
C PRO C 130 14.50 -29.17 -7.82
N ILE C 131 14.69 -29.92 -8.90
CA ILE C 131 15.63 -31.03 -8.90
C ILE C 131 16.79 -30.78 -9.86
N CYS C 132 17.89 -31.51 -9.64
CA CYS C 132 19.06 -31.41 -10.50
C CYS C 132 18.73 -31.86 -11.92
N GLU C 133 19.41 -31.27 -12.89
CA GLU C 133 19.12 -31.54 -14.30
C GLU C 133 19.53 -32.95 -14.70
N LYS C 134 20.42 -33.56 -13.93
CA LYS C 134 20.93 -34.90 -14.24
C LYS C 134 19.84 -35.96 -14.17
N TRP C 135 18.80 -35.71 -13.38
CA TRP C 135 17.72 -36.68 -13.18
C TRP C 135 16.83 -36.80 -14.42
N ARG C 136 16.80 -35.75 -15.23
CA ARG C 136 15.92 -35.72 -16.39
C ARG C 136 16.45 -36.60 -17.53
N THR C 137 17.71 -36.99 -17.45
CA THR C 137 18.31 -37.86 -18.45
C THR C 137 18.08 -39.32 -18.11
N LEU C 138 17.84 -39.59 -16.84
CA LEU C 138 17.70 -40.94 -16.31
C LEU C 138 16.52 -41.68 -16.96
N PRO C 139 16.76 -42.94 -17.38
CA PRO C 139 15.69 -43.78 -17.92
C PRO C 139 14.57 -43.97 -16.89
N GLU C 140 13.32 -43.96 -17.36
CA GLU C 140 12.16 -44.01 -16.46
C GLU C 140 12.18 -45.25 -15.58
N THR C 141 12.59 -46.38 -16.14
CA THR C 141 12.68 -47.62 -15.39
C THR C 141 13.67 -47.50 -14.23
N ALA C 142 14.81 -46.86 -14.49
CA ALA C 142 15.83 -46.65 -13.47
C ALA C 142 15.32 -45.71 -12.39
N LEU C 143 14.50 -44.75 -12.79
CA LEU C 143 13.97 -43.76 -11.85
C LEU C 143 12.97 -44.40 -10.90
N MET C 144 12.11 -45.27 -11.43
CA MET C 144 11.11 -45.94 -10.60
C MET C 144 11.77 -46.79 -9.52
N GLU C 145 12.82 -47.50 -9.89
CA GLU C 145 13.58 -48.31 -8.93
C GLU C 145 14.25 -47.44 -7.89
N ARG C 146 14.68 -46.24 -8.30
CA ARG C 146 15.27 -45.29 -7.37
C ARG C 146 14.21 -44.81 -6.38
N LEU C 147 12.99 -44.59 -6.87
CA LEU C 147 11.89 -44.17 -6.00
C LEU C 147 11.53 -45.27 -5.01
N LYS C 148 11.45 -46.51 -5.50
CA LYS C 148 11.16 -47.66 -4.64
C LYS C 148 12.22 -47.80 -3.54
N GLN C 149 13.49 -47.62 -3.93
CA GLN C 149 14.60 -47.75 -3.00
C GLN C 149 14.58 -46.65 -1.95
N THR C 150 14.29 -45.43 -2.39
CA THR C 150 14.21 -44.28 -1.49
C THR C 150 13.12 -44.48 -0.45
N LEU C 151 11.98 -45.01 -0.90
CA LEU C 151 10.86 -45.28 -0.01
C LEU C 151 11.20 -46.35 1.02
N LYS C 152 12.03 -47.30 0.63
CA LYS C 152 12.45 -48.36 1.54
C LYS C 152 13.50 -47.87 2.52
N ASP C 153 14.45 -47.07 2.03
CA ASP C 153 15.51 -46.51 2.87
C ASP C 153 14.94 -45.54 3.89
N TYR C 154 13.81 -44.93 3.54
CA TYR C 154 13.13 -44.00 4.44
C TYR C 154 11.88 -44.58 5.08
N SER C 155 11.92 -45.87 5.38
CA SER C 155 10.79 -46.57 5.99
C SER C 155 10.27 -45.89 7.26
N ASP C 156 11.12 -45.08 7.88
CA ASP C 156 10.73 -44.33 9.07
C ASP C 156 9.72 -43.24 8.74
N ARG C 157 9.78 -42.73 7.52
CA ARG C 157 8.83 -41.73 7.05
C ARG C 157 7.69 -42.37 6.26
N PHE C 158 7.99 -43.49 5.61
CA PHE C 158 7.10 -44.06 4.60
C PHE C 158 6.61 -45.47 4.94
N VAL C 159 5.30 -45.62 5.06
CA VAL C 159 4.70 -46.93 5.21
C VAL C 159 4.61 -47.63 3.87
N CYS C 160 5.00 -48.90 3.83
CA CYS C 160 4.88 -49.70 2.62
C CYS C 160 3.72 -50.69 2.77
N GLY C 161 2.89 -50.81 1.74
CA GLY C 161 1.72 -51.66 1.83
C GLY C 161 1.54 -52.59 0.64
N ARG C 162 1.04 -53.79 0.92
CA ARG C 162 0.81 -54.79 -0.13
C ARG C 162 -0.62 -55.32 -0.09
N GLU C 163 -1.08 -55.86 -1.21
CA GLU C 163 -2.35 -56.55 -1.29
C GLU C 163 -2.14 -58.05 -1.53
N PHE C 164 -2.90 -58.88 -0.84
CA PHE C 164 -3.02 -60.30 -1.16
C PHE C 164 -1.70 -61.04 -1.37
N LYS C 165 -0.71 -60.77 -0.52
CA LYS C 165 0.61 -61.40 -0.60
C LYS C 165 1.29 -61.12 -1.95
N ARG C 166 0.83 -60.11 -2.66
CA ARG C 166 1.46 -59.66 -3.89
C ARG C 166 2.60 -58.71 -3.61
N ALA C 167 3.36 -58.36 -4.64
CA ALA C 167 4.42 -57.41 -4.50
C ALA C 167 3.86 -56.06 -4.07
N PRO C 168 4.60 -55.38 -3.09
CA PRO C 168 3.98 -54.12 -2.64
C PRO C 168 3.91 -53.02 -3.69
N ALA C 169 2.78 -52.31 -3.74
CA ALA C 169 2.60 -51.20 -4.67
C ALA C 169 2.14 -49.89 -4.04
N PHE C 170 1.94 -49.88 -2.73
CA PHE C 170 1.30 -48.74 -2.08
C PHE C 170 2.16 -48.11 -1.00
N TYR C 171 2.06 -46.80 -0.86
CA TYR C 171 2.90 -46.10 0.10
C TYR C 171 2.14 -44.99 0.81
N ALA C 172 2.57 -44.70 2.04
CA ALA C 172 1.90 -43.69 2.86
C ALA C 172 2.86 -43.10 3.88
N LEU C 173 2.51 -41.94 4.43
CA LEU C 173 3.29 -41.34 5.50
C LEU C 173 2.94 -42.00 6.84
N ARG C 174 3.95 -42.36 7.61
CA ARG C 174 3.73 -42.89 8.96
C ARG C 174 3.08 -41.84 9.83
N HIS C 175 3.49 -40.59 9.64
CA HIS C 175 3.08 -39.52 10.52
C HIS C 175 2.52 -38.32 9.75
N SER C 176 1.76 -37.50 10.46
CA SER C 176 1.07 -36.36 9.89
C SER C 176 1.96 -35.25 9.36
N GLY C 177 3.20 -35.21 9.82
CA GLY C 177 4.09 -34.09 9.59
C GLY C 177 4.48 -33.88 8.14
N PRO C 178 4.77 -32.61 7.78
CA PRO C 178 5.25 -32.21 6.46
C PRO C 178 6.68 -32.68 6.22
N PRO C 179 7.19 -32.54 4.98
CA PRO C 179 8.57 -32.98 4.71
C PRO C 179 9.60 -32.31 5.61
N HIS C 180 10.62 -33.06 6.01
CA HIS C 180 11.66 -32.55 6.89
C HIS C 180 12.59 -31.62 6.15
N ILE C 181 12.73 -30.40 6.66
CA ILE C 181 13.55 -29.38 6.01
C ILE C 181 14.63 -28.89 6.96
N PRO C 182 15.89 -28.89 6.49
CA PRO C 182 17.01 -28.40 7.31
C PRO C 182 16.88 -26.91 7.61
N LYS C 183 17.12 -26.52 8.85
CA LYS C 183 17.07 -25.12 9.22
C LYS C 183 18.32 -24.39 8.75
N VAL C 184 18.15 -23.16 8.29
CA VAL C 184 19.27 -22.32 7.89
C VAL C 184 19.30 -21.07 8.76
N PHE C 185 20.04 -21.13 9.86
CA PHE C 185 20.13 -20.01 10.79
C PHE C 185 21.49 -19.33 10.70
N LEU C 186 21.47 -18.01 10.61
CA LEU C 186 22.70 -17.23 10.51
C LEU C 186 22.71 -16.05 11.48
N GLU C 187 23.88 -15.70 11.97
CA GLU C 187 24.06 -14.48 12.73
C GLU C 187 24.07 -13.29 11.76
N PRO C 188 23.56 -12.14 12.19
CA PRO C 188 23.47 -10.95 11.34
C PRO C 188 24.81 -10.51 10.74
N HIS C 189 25.92 -10.94 11.33
CA HIS C 189 27.23 -10.57 10.84
C HIS C 189 27.59 -11.33 9.56
N GLU C 190 26.90 -12.45 9.35
CA GLU C 190 27.20 -13.31 8.22
C GLU C 190 26.46 -12.85 6.96
N GLU C 191 27.21 -12.67 5.89
CA GLU C 191 26.63 -12.36 4.59
C GLU C 191 25.99 -13.60 4.02
N LEU C 192 25.00 -13.41 3.14
CA LEU C 192 24.33 -14.54 2.51
C LEU C 192 24.85 -14.73 1.11
N SER C 193 25.43 -15.90 0.86
CA SER C 193 26.08 -16.18 -0.40
C SER C 193 25.87 -17.64 -0.77
N ASP C 194 25.98 -17.95 -2.05
CA ASP C 194 25.79 -19.33 -2.47
C ASP C 194 26.86 -20.16 -1.79
N GLU C 195 28.08 -19.62 -1.75
CA GLU C 195 29.21 -20.34 -1.19
C GLU C 195 29.03 -20.62 0.28
N LEU C 196 28.48 -19.66 1.01
CA LEU C 196 28.28 -19.87 2.43
C LEU C 196 27.31 -21.02 2.67
N LEU C 197 26.23 -21.03 1.91
CA LEU C 197 25.22 -22.08 2.05
C LEU C 197 25.78 -23.44 1.66
N GLU C 198 26.52 -23.46 0.56
CA GLU C 198 27.10 -24.70 0.08
C GLU C 198 28.13 -25.25 1.06
N LYS C 199 28.93 -24.37 1.63
CA LYS C 199 30.06 -24.85 2.42
C LYS C 199 29.63 -25.16 3.85
N ARG C 200 28.64 -24.44 4.36
CA ARG C 200 28.23 -24.56 5.75
C ARG C 200 27.18 -25.64 5.97
N PHE C 201 26.24 -25.76 5.04
CA PHE C 201 25.12 -26.67 5.22
C PHE C 201 25.14 -27.84 4.25
N LYS C 202 26.11 -27.83 3.33
CA LYS C 202 26.20 -28.83 2.26
C LYS C 202 24.90 -28.90 1.47
N LEU C 203 24.25 -27.75 1.32
CA LEU C 203 22.97 -27.66 0.64
C LEU C 203 23.11 -27.02 -0.74
N MET C 204 22.68 -27.74 -1.77
CA MET C 204 22.75 -27.23 -3.13
C MET C 204 21.64 -26.22 -3.40
N LEU C 205 21.86 -25.37 -4.40
CA LEU C 205 20.88 -24.36 -4.78
C LEU C 205 20.51 -24.49 -6.25
N MET C 206 19.24 -24.23 -6.56
CA MET C 206 18.78 -24.25 -7.94
C MET C 206 19.11 -22.97 -8.67
N PRO C 207 19.53 -23.08 -9.94
CA PRO C 207 19.88 -21.92 -10.77
C PRO C 207 18.69 -21.01 -11.04
N GLU C 208 18.95 -19.70 -11.17
CA GLU C 208 17.89 -18.74 -11.45
C GLU C 208 17.89 -18.34 -12.92
N HIS D 21 -13.68 66.38 15.14
CA HIS D 21 -13.30 65.06 15.60
C HIS D 21 -11.92 64.66 15.09
N ARG D 22 -11.02 64.33 16.00
CA ARG D 22 -9.71 63.85 15.61
C ARG D 22 -9.40 62.59 16.41
N VAL D 23 -10.05 61.50 16.05
CA VAL D 23 -9.91 60.28 16.81
C VAL D 23 -8.91 59.38 16.15
N ASN D 24 -7.96 58.88 16.93
CA ASN D 24 -6.90 58.07 16.40
C ASN D 24 -6.86 56.66 16.96
N GLU D 25 -6.94 55.70 16.07
CA GLU D 25 -6.96 54.30 16.49
C GLU D 25 -5.82 53.95 17.43
N GLU D 26 -6.16 53.27 18.54
CA GLU D 26 -5.13 52.76 19.44
C GLU D 26 -4.33 51.65 18.75
N GLN D 27 -3.01 51.78 18.79
CA GLN D 27 -2.15 50.78 18.19
C GLN D 27 -1.94 49.62 19.15
N ILE D 28 -2.20 48.40 18.67
CA ILE D 28 -2.05 47.19 19.49
C ILE D 28 -0.64 47.10 20.03
N TYR D 29 -0.52 46.79 21.32
CA TYR D 29 0.78 46.82 21.97
C TYR D 29 1.10 45.56 22.78
N CYS D 30 2.18 44.90 22.37
CA CYS D 30 2.93 43.93 23.17
C CYS D 30 3.81 44.69 24.15
N TYR D 31 4.25 44.03 25.21
CA TYR D 31 4.83 44.69 26.38
C TYR D 31 6.12 45.36 25.87
N CYS D 32 6.38 45.15 24.59
CA CYS D 32 7.51 45.72 23.87
C CYS D 32 7.27 47.18 23.55
N GLY D 33 6.02 47.59 23.66
CA GLY D 33 5.61 48.94 23.32
C GLY D 33 5.63 49.15 21.82
N LYS D 34 5.42 48.07 21.09
CA LYS D 34 5.47 48.08 19.63
C LYS D 34 4.23 47.46 19.00
N PRO D 35 3.73 48.12 17.87
CA PRO D 35 2.58 47.44 17.25
C PRO D 35 2.98 46.14 16.56
N GLY D 36 2.07 45.16 16.45
CA GLY D 36 0.67 45.37 16.78
C GLY D 36 -0.36 44.99 15.73
N LYS D 37 -0.18 43.85 15.07
CA LYS D 37 -1.21 43.34 14.15
C LYS D 37 -1.85 42.06 14.69
N PHE D 38 -3.16 42.09 14.91
CA PHE D 38 -3.86 40.96 15.52
C PHE D 38 -3.89 39.67 14.71
N ASP D 39 -4.13 39.78 13.41
CA ASP D 39 -4.19 38.61 12.54
C ASP D 39 -2.82 38.17 12.06
N HIS D 40 -1.77 38.85 12.53
CA HIS D 40 -0.42 38.57 12.07
C HIS D 40 0.53 38.30 13.23
N ASN D 41 0.68 37.01 13.58
CA ASN D 41 1.60 36.56 14.61
C ASN D 41 1.40 37.23 15.98
N MET D 42 0.17 37.17 16.49
CA MET D 42 -0.13 37.63 17.83
C MET D 42 -1.15 36.73 18.52
N LEU D 43 -1.02 36.61 19.84
CA LEU D 43 -1.97 35.83 20.64
C LEU D 43 -2.38 36.59 21.89
N GLN D 44 -3.45 36.13 22.52
CA GLN D 44 -3.91 36.75 23.76
C GLN D 44 -3.86 35.76 24.92
N CYS D 45 -3.35 36.22 26.06
CA CYS D 45 -3.30 35.40 27.26
C CYS D 45 -4.72 35.09 27.73
N CYS D 46 -4.91 33.92 28.34
CA CYS D 46 -6.23 33.48 28.76
C CYS D 46 -6.61 34.06 30.12
N LYS D 47 -5.62 34.42 30.92
CA LYS D 47 -5.87 34.93 32.27
C LYS D 47 -5.78 36.45 32.36
N CYS D 48 -4.68 37.02 31.88
CA CYS D 48 -4.48 38.47 31.96
C CYS D 48 -5.07 39.19 30.75
N ARG D 49 -5.48 38.42 29.75
CA ARG D 49 -6.15 38.94 28.56
C ARG D 49 -5.35 40.00 27.81
N ASN D 50 -4.03 39.92 27.90
CA ASN D 50 -3.17 40.84 27.17
C ASN D 50 -2.58 40.20 25.91
N TRP D 51 -2.14 41.03 24.97
CA TRP D 51 -1.65 40.53 23.69
C TRP D 51 -0.13 40.49 23.62
N PHE D 52 0.40 39.40 23.08
CA PHE D 52 1.83 39.18 22.97
C PHE D 52 2.22 38.82 21.54
N HIS D 53 3.37 39.30 21.09
CA HIS D 53 3.88 38.90 19.80
C HIS D 53 4.31 37.44 19.84
N THR D 54 4.56 36.87 18.67
CA THR D 54 5.18 35.55 18.59
C THR D 54 6.65 35.64 18.98
N GLN D 55 7.33 36.65 18.46
CA GLN D 55 8.73 36.88 18.78
C GLN D 55 8.90 37.29 20.24
N CYS D 56 7.98 38.09 20.76
CA CYS D 56 8.09 38.52 22.16
C CYS D 56 7.51 37.48 23.09
N MET D 57 6.98 36.41 22.49
CA MET D 57 6.59 35.23 23.22
C MET D 57 7.85 34.52 23.65
N GLN D 58 7.79 33.91 24.81
CA GLN D 58 8.95 33.20 25.33
C GLN D 58 9.36 32.01 24.47
N ASN D 59 8.37 31.22 24.05
CA ASN D 59 8.65 29.99 23.29
C ASN D 59 7.99 29.75 21.93
N PHE D 60 7.53 30.78 21.22
CA PHE D 60 6.82 30.48 19.98
C PHE D 60 7.70 30.40 18.73
N LYS D 61 8.07 29.17 18.39
CA LYS D 61 8.83 28.85 17.20
C LYS D 61 8.13 29.10 15.87
N LYS D 62 6.88 28.68 15.78
CA LYS D 62 6.17 28.53 14.51
C LYS D 62 5.82 29.82 13.79
N LYS D 63 5.70 29.72 12.47
CA LYS D 63 5.20 30.82 11.66
C LYS D 63 3.73 30.55 11.39
N LEU D 64 2.90 31.57 11.54
CA LEU D 64 1.46 31.42 11.48
C LEU D 64 0.85 32.04 10.24
N LEU D 65 -0.05 31.31 9.61
CA LEU D 65 -0.79 31.82 8.47
C LEU D 65 -1.68 32.95 8.95
N ARG D 66 -1.94 33.91 8.10
CA ARG D 66 -2.69 35.08 8.52
C ARG D 66 -4.08 34.68 8.97
N GLY D 67 -4.53 35.30 10.06
CA GLY D 67 -5.81 35.00 10.65
C GLY D 67 -5.81 33.73 11.49
N ASP D 68 -4.71 33.00 11.44
CA ASP D 68 -4.59 31.75 12.20
C ASP D 68 -4.16 32.03 13.64
N MET D 69 -5.13 32.06 14.54
CA MET D 69 -4.87 32.32 15.95
C MET D 69 -5.49 31.26 16.84
N PHE D 70 -5.58 30.05 16.34
CA PHE D 70 -6.24 28.96 17.07
C PHE D 70 -5.31 28.32 18.09
N PHE D 71 -4.95 29.09 19.10
CA PHE D 71 -4.10 28.62 20.19
C PHE D 71 -4.66 29.04 21.55
N VAL D 72 -4.31 28.29 22.59
CA VAL D 72 -4.59 28.70 23.96
C VAL D 72 -3.30 29.21 24.59
N PHE D 73 -3.30 30.48 24.97
CA PHE D 73 -2.07 31.12 25.45
C PHE D 73 -2.18 31.55 26.91
N CYS D 74 -1.10 31.33 27.65
CA CYS D 74 -0.98 31.81 29.02
C CYS D 74 0.45 32.28 29.22
N CYS D 75 0.62 33.50 29.75
CA CYS D 75 1.94 34.11 29.86
C CYS D 75 2.71 33.56 31.05
N THR D 76 3.96 34.00 31.20
CA THR D 76 4.78 33.55 32.31
C THR D 76 4.24 34.00 33.65
N VAL D 77 3.88 35.28 33.75
CA VAL D 77 3.39 35.80 35.01
C VAL D 77 2.05 35.18 35.43
N CYS D 78 1.13 35.11 34.49
CA CYS D 78 -0.19 34.57 34.78
C CYS D 78 -0.11 33.10 35.11
N ASN D 79 0.66 32.37 34.32
CA ASN D 79 0.99 30.99 34.59
C ASN D 79 2.47 30.78 34.36
N ILE D 82 6.12 30.27 33.77
CA ILE D 82 5.95 29.07 32.96
C ILE D 82 5.00 29.34 31.78
N GLU D 83 5.56 29.55 30.60
CA GLU D 83 4.76 29.83 29.42
C GLU D 83 3.88 28.65 29.06
N PHE D 84 2.66 28.92 28.64
CA PHE D 84 1.76 27.85 28.23
C PHE D 84 1.28 28.09 26.81
N VAL D 85 1.48 27.11 25.95
CA VAL D 85 1.04 27.22 24.56
C VAL D 85 0.37 25.93 24.21
N ARG D 86 -0.65 26.00 23.41
CA ARG D 86 -1.46 24.83 23.11
C ARG D 86 -2.24 25.05 21.82
N ARG D 87 -2.22 24.07 20.93
CA ARG D 87 -2.87 24.20 19.64
C ARG D 87 -4.28 23.60 19.65
N MET D 88 -5.25 24.38 19.18
CA MET D 88 -6.64 23.96 19.16
C MET D 88 -6.90 22.94 18.05
N GLN D 89 -7.93 22.13 18.22
CA GLN D 89 -8.41 21.27 17.15
C GLN D 89 -9.49 21.99 16.35
N ILE D 90 -9.08 22.52 15.20
CA ILE D 90 -9.96 23.26 14.32
C ILE D 90 -10.81 22.39 13.42
N GLU D 91 -11.93 22.93 12.98
CA GLU D 91 -12.78 22.29 11.99
C GLU D 91 -12.46 22.77 10.58
N TRP D 92 -13.12 22.16 9.60
CA TRP D 92 -12.92 22.48 8.20
C TRP D 92 -13.27 23.92 7.83
N VAL D 93 -14.32 24.44 8.44
CA VAL D 93 -14.74 25.82 8.20
C VAL D 93 -13.61 26.78 8.54
N ASP D 94 -12.88 26.46 9.61
CA ASP D 94 -11.74 27.26 10.03
C ASP D 94 -10.62 27.18 9.00
N VAL D 95 -10.37 25.96 8.52
CA VAL D 95 -9.35 25.72 7.50
C VAL D 95 -9.68 26.50 6.23
N LEU D 96 -10.93 26.43 5.81
CA LEU D 96 -11.38 27.11 4.61
C LEU D 96 -11.31 28.63 4.76
N HIS D 97 -11.61 29.11 5.96
CA HIS D 97 -11.55 30.54 6.24
C HIS D 97 -10.11 31.03 6.20
N ILE D 98 -9.22 30.25 6.82
CA ILE D 98 -7.78 30.56 6.80
C ILE D 98 -7.26 30.59 5.37
N ALA D 99 -7.70 29.62 4.56
CA ALA D 99 -7.25 29.52 3.18
C ALA D 99 -7.66 30.74 2.36
N LEU D 100 -8.95 31.03 2.34
CA LEU D 100 -9.48 32.14 1.54
C LEU D 100 -8.95 33.50 2.02
N TYR D 101 -8.69 33.60 3.32
CA TYR D 101 -8.17 34.84 3.89
C TYR D 101 -6.77 35.14 3.36
N ASN D 102 -5.94 34.10 3.31
CA ASN D 102 -4.58 34.24 2.79
C ASN D 102 -4.54 34.31 1.28
N LEU D 103 -5.43 33.56 0.63
CA LEU D 103 -5.48 33.50 -0.83
C LEU D 103 -5.83 34.85 -1.43
N ARG D 104 -6.76 35.55 -0.80
CA ARG D 104 -7.17 36.85 -1.30
C ARG D 104 -6.02 37.86 -1.28
N LYS D 105 -5.21 37.83 -0.23
CA LYS D 105 -4.07 38.70 -0.19
C LYS D 105 -3.04 38.39 -1.28
N HIS D 106 -2.70 37.11 -1.42
CA HIS D 106 -1.73 36.70 -2.44
C HIS D 106 -2.14 36.75 -3.90
N GLN D 107 -3.32 36.22 -4.18
CA GLN D 107 -3.76 36.00 -5.56
C GLN D 107 -4.07 37.23 -6.40
N HIS D 108 -4.70 38.22 -5.79
CA HIS D 108 -5.18 39.35 -6.55
C HIS D 108 -6.29 38.87 -7.48
N GLN D 109 -7.10 37.95 -6.96
CA GLN D 109 -8.27 37.45 -7.66
C GLN D 109 -9.50 37.71 -6.79
N LYS D 110 -10.60 38.07 -7.43
CA LYS D 110 -11.87 38.27 -6.71
C LYS D 110 -12.39 36.99 -6.08
N TYR D 111 -12.24 35.88 -6.81
CA TYR D 111 -12.76 34.58 -6.41
C TYR D 111 -11.64 33.58 -6.55
N HIS D 112 -11.78 32.45 -5.89
CA HIS D 112 -10.74 31.43 -5.94
C HIS D 112 -11.33 30.07 -6.24
N HIS D 113 -10.72 29.36 -7.19
CA HIS D 113 -11.21 28.05 -7.61
C HIS D 113 -10.97 27.00 -6.51
N LEU D 114 -12.00 26.23 -6.20
CA LEU D 114 -11.93 25.25 -5.12
C LEU D 114 -10.84 24.20 -5.34
N LEU D 115 -10.74 23.71 -6.57
CA LEU D 115 -9.78 22.66 -6.90
C LEU D 115 -8.41 23.21 -7.31
N ASN D 116 -8.41 24.35 -7.98
CA ASN D 116 -7.18 24.92 -8.53
C ASN D 116 -6.45 25.85 -7.58
N ASP D 117 -7.19 26.52 -6.71
CA ASP D 117 -6.60 27.51 -5.80
C ASP D 117 -6.70 27.24 -4.30
N ILE D 118 -7.83 26.70 -3.87
CA ILE D 118 -8.11 26.51 -2.45
C ILE D 118 -7.45 25.21 -1.99
N TRP D 119 -7.78 24.11 -2.67
CA TRP D 119 -7.27 22.79 -2.31
C TRP D 119 -5.73 22.68 -2.33
N PRO D 120 -5.05 23.27 -3.33
CA PRO D 120 -3.58 23.24 -3.26
C PRO D 120 -3.02 23.99 -2.04
N PHE D 121 -3.64 25.10 -1.67
CA PHE D 121 -3.20 25.88 -0.52
C PHE D 121 -3.20 25.03 0.75
N ILE D 122 -4.28 24.28 0.93
CA ILE D 122 -4.41 23.40 2.09
C ILE D 122 -3.35 22.30 2.05
N LEU D 123 -3.07 21.81 0.85
CA LEU D 123 -2.05 20.77 0.65
C LEU D 123 -0.65 21.27 0.95
N GLU D 124 -0.39 22.54 0.62
CA GLU D 124 0.93 23.12 0.86
C GLU D 124 1.16 23.37 2.34
N GLN D 125 0.08 23.54 3.10
CA GLN D 125 0.18 23.78 4.53
C GLN D 125 -0.23 22.58 5.39
N ARG D 126 0.04 21.38 4.89
CA ARG D 126 -0.23 20.16 5.64
C ARG D 126 0.46 20.14 6.99
N HIS D 127 1.68 20.67 7.03
CA HIS D 127 2.44 20.77 8.27
C HIS D 127 1.79 21.77 9.21
N GLN D 128 1.14 22.77 8.63
CA GLN D 128 0.33 23.73 9.37
C GLN D 128 -0.89 23.11 10.01
N LEU D 129 -1.51 22.18 9.32
CA LEU D 129 -2.84 21.75 9.70
C LEU D 129 -2.91 21.06 11.04
N PRO D 130 -3.73 21.70 11.98
CA PRO D 130 -4.07 20.85 13.11
C PRO D 130 -5.49 20.39 12.83
N ILE D 131 -5.72 19.08 12.85
CA ILE D 131 -7.01 18.54 12.53
C ILE D 131 -7.09 17.15 13.13
N CYS D 132 -8.30 16.64 13.33
CA CYS D 132 -8.44 15.34 13.94
C CYS D 132 -7.76 14.31 13.05
N GLU D 133 -7.06 13.38 13.69
CA GLU D 133 -6.29 12.36 12.99
C GLU D 133 -7.17 11.51 12.07
N LYS D 134 -8.46 11.48 12.35
CA LYS D 134 -9.40 10.67 11.57
C LYS D 134 -9.54 11.18 10.14
N TRP D 135 -9.38 12.50 9.96
CA TRP D 135 -9.56 13.12 8.65
C TRP D 135 -8.47 12.71 7.67
N ARG D 136 -7.30 12.36 8.18
CA ARG D 136 -6.16 12.03 7.33
C ARG D 136 -6.30 10.64 6.71
N THR D 137 -7.28 9.86 7.19
CA THR D 137 -7.53 8.54 6.64
C THR D 137 -8.66 8.59 5.62
N LEU D 138 -9.37 9.70 5.60
CA LEU D 138 -10.54 9.88 4.73
C LEU D 138 -10.15 9.92 3.26
N PRO D 139 -10.92 9.21 2.40
CA PRO D 139 -10.74 9.28 0.95
C PRO D 139 -10.83 10.71 0.43
N GLU D 140 -10.07 11.04 -0.61
CA GLU D 140 -9.97 12.41 -1.08
C GLU D 140 -11.27 12.93 -1.69
N THR D 141 -11.93 12.10 -2.48
CA THR D 141 -13.21 12.50 -3.09
C THR D 141 -14.27 12.74 -2.03
N ALA D 142 -14.22 11.95 -0.96
CA ALA D 142 -15.12 12.14 0.17
C ALA D 142 -14.79 13.44 0.89
N LEU D 143 -13.51 13.77 0.95
CA LEU D 143 -13.06 14.99 1.62
C LEU D 143 -13.43 16.23 0.81
N MET D 144 -13.35 16.13 -0.51
CA MET D 144 -13.69 17.26 -1.36
C MET D 144 -15.17 17.60 -1.25
N GLU D 145 -16.01 16.57 -1.18
CA GLU D 145 -17.44 16.78 -1.00
C GLU D 145 -17.75 17.33 0.38
N ARG D 146 -16.88 17.04 1.34
CA ARG D 146 -17.01 17.59 2.68
C ARG D 146 -16.73 19.08 2.67
N LEU D 147 -15.70 19.48 1.94
CA LEU D 147 -15.35 20.89 1.79
C LEU D 147 -16.46 21.65 1.06
N LYS D 148 -17.00 21.04 0.01
CA LYS D 148 -18.11 21.61 -0.73
C LYS D 148 -19.32 21.82 0.17
N GLN D 149 -19.61 20.82 0.98
CA GLN D 149 -20.75 20.88 1.89
C GLN D 149 -20.54 21.93 2.97
N THR D 150 -19.29 22.05 3.43
CA THR D 150 -18.95 23.01 4.46
C THR D 150 -19.10 24.43 3.93
N LEU D 151 -18.70 24.64 2.69
CA LEU D 151 -18.78 25.96 2.06
C LEU D 151 -20.23 26.36 1.78
N LYS D 152 -21.12 25.37 1.72
CA LYS D 152 -22.54 25.64 1.50
C LYS D 152 -23.24 25.94 2.82
N ASP D 153 -22.92 25.15 3.85
CA ASP D 153 -23.50 25.31 5.17
C ASP D 153 -23.10 26.65 5.80
N TYR D 154 -21.89 27.10 5.48
CA TYR D 154 -21.40 28.37 5.97
C TYR D 154 -21.50 29.51 4.97
N SER D 155 -22.54 29.47 4.15
CA SER D 155 -22.78 30.51 3.15
C SER D 155 -22.89 31.92 3.72
N ASP D 156 -22.97 32.01 5.04
CA ASP D 156 -22.96 33.30 5.72
C ASP D 156 -21.55 33.89 5.68
N ARG D 157 -20.55 33.02 5.71
CA ARG D 157 -19.15 33.45 5.64
C ARG D 157 -18.60 33.39 4.22
N PHE D 158 -19.06 32.40 3.46
CA PHE D 158 -18.47 32.14 2.15
C PHE D 158 -19.41 32.42 0.99
N VAL D 159 -18.93 33.23 0.05
CA VAL D 159 -19.65 33.46 -1.20
C VAL D 159 -19.39 32.29 -2.14
N CYS D 160 -20.42 31.89 -2.90
CA CYS D 160 -20.27 30.85 -3.90
C CYS D 160 -20.50 31.40 -5.30
N GLY D 161 -19.46 31.45 -6.11
CA GLY D 161 -19.61 31.96 -7.46
C GLY D 161 -19.64 30.88 -8.52
N ARG D 162 -20.69 30.89 -9.31
CA ARG D 162 -20.85 29.92 -10.40
C ARG D 162 -21.05 30.70 -11.66
N GLU D 163 -20.34 30.34 -12.73
CA GLU D 163 -20.40 31.12 -13.96
C GLU D 163 -20.98 30.38 -15.17
N PHE D 164 -21.93 31.01 -15.83
CA PHE D 164 -22.46 30.52 -17.11
C PHE D 164 -23.15 29.17 -17.08
N LYS D 165 -23.94 28.90 -16.05
CA LYS D 165 -24.69 27.65 -16.00
C LYS D 165 -23.74 26.45 -15.99
N ARG D 166 -22.58 26.68 -15.43
CA ARG D 166 -21.56 25.67 -15.21
C ARG D 166 -21.84 25.25 -13.79
N ALA D 167 -21.36 24.07 -13.41
CA ALA D 167 -21.37 23.69 -12.03
C ALA D 167 -20.44 24.66 -11.28
N PRO D 168 -20.84 25.01 -9.98
CA PRO D 168 -19.99 26.05 -9.36
C PRO D 168 -18.60 25.58 -8.99
N ALA D 169 -17.61 26.43 -9.16
CA ALA D 169 -16.25 26.11 -8.76
C ALA D 169 -15.55 27.19 -7.95
N PHE D 170 -16.21 28.33 -7.76
CA PHE D 170 -15.56 29.51 -7.22
C PHE D 170 -16.10 30.00 -5.89
N TYR D 171 -15.20 30.29 -4.96
CA TYR D 171 -15.63 30.73 -3.64
C TYR D 171 -14.83 31.93 -3.15
N ALA D 172 -15.37 32.63 -2.16
CA ALA D 172 -14.73 33.82 -1.60
C ALA D 172 -15.36 34.20 -0.27
N LEU D 173 -14.62 34.94 0.55
CA LEU D 173 -15.14 35.42 1.81
C LEU D 173 -16.12 36.55 1.60
N ARG D 174 -17.24 36.49 2.30
CA ARG D 174 -18.24 37.55 2.23
C ARG D 174 -17.69 38.86 2.78
N HIS D 175 -16.93 38.78 3.86
CA HIS D 175 -16.47 39.96 4.59
C HIS D 175 -14.98 39.93 4.87
N SER D 176 -14.42 41.09 5.12
CA SER D 176 -12.98 41.30 5.19
C SER D 176 -12.32 40.67 6.42
N GLY D 177 -13.14 40.15 7.33
CA GLY D 177 -12.62 39.63 8.59
C GLY D 177 -11.88 38.32 8.51
N PRO D 178 -10.97 38.09 9.47
CA PRO D 178 -10.20 36.85 9.64
C PRO D 178 -11.10 35.72 10.18
N PRO D 179 -10.57 34.49 10.27
CA PRO D 179 -11.34 33.39 10.85
C PRO D 179 -11.88 33.71 12.24
N HIS D 180 -12.99 33.06 12.62
CA HIS D 180 -13.58 33.26 13.93
C HIS D 180 -12.95 32.34 14.97
N ILE D 181 -12.30 32.93 15.96
CA ILE D 181 -11.69 32.16 17.03
C ILE D 181 -12.44 32.36 18.34
N PRO D 182 -12.90 31.26 18.96
CA PRO D 182 -13.59 31.34 20.26
C PRO D 182 -12.65 31.76 21.38
N LYS D 183 -13.06 32.75 22.16
CA LYS D 183 -12.23 33.24 23.26
C LYS D 183 -12.23 32.28 24.44
N VAL D 184 -11.07 32.14 25.08
CA VAL D 184 -10.94 31.30 26.26
C VAL D 184 -10.43 32.12 27.43
N PHE D 185 -11.34 32.60 28.27
CA PHE D 185 -10.98 33.43 29.40
C PHE D 185 -11.20 32.68 30.68
N LEU D 186 -10.21 32.70 31.56
CA LEU D 186 -10.26 31.88 32.76
C LEU D 186 -10.26 32.71 34.03
N GLU D 187 -10.94 32.17 35.03
CA GLU D 187 -10.95 32.74 36.35
C GLU D 187 -9.58 32.61 36.99
N PRO D 188 -9.23 33.61 37.90
CA PRO D 188 -7.87 33.46 38.44
C PRO D 188 -7.70 32.15 39.19
N HIS D 189 -8.77 31.70 39.82
CA HIS D 189 -8.74 30.48 40.60
C HIS D 189 -8.35 29.27 39.75
N GLU D 190 -8.84 29.23 38.52
CA GLU D 190 -8.68 28.03 37.71
C GLU D 190 -7.25 27.61 37.34
N GLU D 191 -7.03 26.31 37.45
CA GLU D 191 -5.92 25.58 36.89
C GLU D 191 -6.12 25.45 35.39
N LEU D 192 -5.05 25.46 34.61
CA LEU D 192 -5.20 25.30 33.18
C LEU D 192 -5.26 23.82 32.87
N SER D 193 -6.33 23.18 33.33
CA SER D 193 -6.53 21.77 33.07
C SER D 193 -6.97 21.53 31.64
N ASP D 194 -6.51 20.45 31.04
CA ASP D 194 -6.94 20.09 29.72
C ASP D 194 -8.43 19.81 29.78
N GLU D 195 -8.82 19.11 30.84
CA GLU D 195 -10.22 18.78 31.06
C GLU D 195 -11.07 20.02 31.28
N LEU D 196 -10.54 20.97 32.03
CA LEU D 196 -11.28 22.19 32.32
C LEU D 196 -11.52 22.94 31.02
N LEU D 197 -10.49 22.98 30.19
CA LEU D 197 -10.59 23.65 28.91
C LEU D 197 -11.59 22.99 27.99
N GLU D 198 -11.62 21.67 28.00
CA GLU D 198 -12.44 20.94 27.05
C GLU D 198 -13.90 20.87 27.48
N LYS D 199 -14.14 21.03 28.77
CA LYS D 199 -15.50 20.91 29.31
C LYS D 199 -16.20 22.27 29.44
N ARG D 200 -15.41 23.31 29.71
CA ARG D 200 -15.97 24.63 29.94
C ARG D 200 -16.19 25.42 28.65
N PHE D 201 -15.50 25.01 27.59
CA PHE D 201 -15.56 25.75 26.33
C PHE D 201 -15.92 24.84 25.16
N LYS D 202 -16.02 23.54 25.44
CA LYS D 202 -16.40 22.57 24.43
C LYS D 202 -15.52 22.64 23.19
N LEU D 203 -14.21 22.73 23.41
CA LEU D 203 -13.27 22.68 22.31
C LEU D 203 -12.26 21.59 22.58
N MET D 204 -11.46 21.27 21.58
CA MET D 204 -10.51 20.18 21.70
C MET D 204 -9.12 20.71 21.38
N LEU D 205 -8.11 20.04 21.90
CA LEU D 205 -6.74 20.48 21.74
C LEU D 205 -5.89 19.45 21.04
N MET D 206 -4.98 19.93 20.20
CA MET D 206 -4.02 19.05 19.57
C MET D 206 -3.08 18.49 20.64
N PRO D 207 -2.67 17.17 20.43
CA PRO D 207 -1.82 16.65 21.53
C PRO D 207 -0.55 17.45 21.65
N GLU D 208 -0.05 17.57 22.88
CA GLU D 208 1.00 18.53 23.20
C GLU D 208 2.31 18.31 22.44
N GLU D 209 2.72 17.05 22.28
CA GLU D 209 3.95 16.73 21.56
C GLU D 209 4.09 17.53 20.27
N GLU E 19 32.25 8.66 0.04
CA GLU E 19 32.38 10.09 0.25
C GLU E 19 32.38 10.45 1.72
N LYS E 20 31.19 10.45 2.32
CA LYS E 20 31.04 10.76 3.74
C LYS E 20 29.94 9.93 4.36
N HIS E 21 30.04 9.70 5.67
CA HIS E 21 29.04 8.92 6.40
C HIS E 21 27.75 9.72 6.60
N ARG E 22 26.64 9.16 6.15
CA ARG E 22 25.34 9.80 6.31
C ARG E 22 24.40 8.93 7.11
N VAL E 23 24.11 9.36 8.35
CA VAL E 23 23.27 8.57 9.24
C VAL E 23 21.96 9.30 9.53
N ASN E 24 20.86 8.54 9.58
CA ASN E 24 19.57 9.08 9.94
C ASN E 24 19.11 8.56 11.29
N GLU E 25 18.95 9.48 12.24
CA GLU E 25 18.56 9.14 13.61
C GLU E 25 17.25 8.35 13.67
N GLU E 26 17.26 7.26 14.44
CA GLU E 26 16.07 6.45 14.61
C GLU E 26 15.19 7.01 15.71
N GLN E 27 13.87 6.92 15.52
CA GLN E 27 12.93 7.42 16.50
C GLN E 27 12.28 6.27 17.28
N ILE E 28 12.53 6.25 18.58
CA ILE E 28 11.91 5.25 19.46
C ILE E 28 10.40 5.36 19.37
N TYR E 29 9.77 4.29 18.89
CA TYR E 29 8.35 4.32 18.56
C TYR E 29 7.46 3.65 19.59
N CYS E 30 6.40 4.34 19.97
CA CYS E 30 5.31 3.74 20.72
C CYS E 30 4.59 2.77 19.77
N TYR E 31 3.75 1.90 20.31
CA TYR E 31 3.09 0.90 19.47
C TYR E 31 2.12 1.56 18.48
N CYS E 32 1.77 2.81 18.74
CA CYS E 32 0.88 3.56 17.87
C CYS E 32 1.51 3.80 16.50
N GLY E 33 2.84 3.80 16.46
CA GLY E 33 3.56 4.00 15.21
C GLY E 33 4.00 5.45 15.04
N LYS E 34 3.55 6.30 15.96
CA LYS E 34 3.90 7.71 15.92
C LYS E 34 5.13 8.01 16.77
N PRO E 35 5.96 8.96 16.33
CA PRO E 35 7.17 9.36 17.07
C PRO E 35 6.86 9.87 18.48
N GLY E 36 7.88 9.91 19.34
CA GLY E 36 7.70 10.36 20.70
C GLY E 36 9.01 10.81 21.35
N LYS E 37 8.88 11.66 22.36
CA LYS E 37 10.04 12.13 23.11
C LYS E 37 10.05 11.54 24.51
N PHE E 38 11.17 10.98 24.92
CA PHE E 38 11.27 10.26 26.19
C PHE E 38 11.07 11.19 27.39
N ASP E 39 11.67 12.37 27.32
CA ASP E 39 11.59 13.32 28.41
C ASP E 39 10.16 13.75 28.63
N HIS E 40 9.42 13.90 27.52
CA HIS E 40 8.05 14.37 27.59
C HIS E 40 7.02 13.27 27.44
N ASN E 41 6.23 13.08 28.50
CA ASN E 41 5.04 12.25 28.46
C ASN E 41 5.25 10.81 28.00
N MET E 42 6.33 10.18 28.42
CA MET E 42 6.57 8.78 28.09
C MET E 42 7.10 7.97 29.27
N LEU E 43 6.86 6.68 29.24
CA LEU E 43 7.40 5.75 30.22
C LEU E 43 7.94 4.49 29.53
N GLN E 44 8.62 3.64 30.29
CA GLN E 44 9.18 2.42 29.72
C GLN E 44 8.79 1.19 30.53
N CYS E 45 8.30 0.16 29.84
CA CYS E 45 7.93 -1.09 30.48
C CYS E 45 9.18 -1.77 31.05
N CYS E 46 9.06 -2.26 32.28
CA CYS E 46 10.20 -2.87 32.97
C CYS E 46 10.52 -4.27 32.48
N LYS E 47 9.57 -4.88 31.76
CA LYS E 47 9.73 -6.25 31.29
C LYS E 47 10.18 -6.30 29.83
N CYS E 48 9.40 -5.65 28.95
CA CYS E 48 9.69 -5.69 27.52
C CYS E 48 10.66 -4.59 27.10
N ARG E 49 10.96 -3.67 28.02
CA ARG E 49 11.94 -2.63 27.76
C ARG E 49 11.56 -1.78 26.57
N ASN E 50 10.26 -1.58 26.39
CA ASN E 50 9.77 -0.73 25.31
C ASN E 50 9.14 0.56 25.85
N TRP E 51 9.05 1.57 25.00
CA TRP E 51 8.52 2.86 25.41
C TRP E 51 7.05 3.02 25.01
N PHE E 52 6.28 3.69 25.86
CA PHE E 52 4.86 3.87 25.62
C PHE E 52 4.43 5.32 25.89
N HIS E 53 3.55 5.84 25.04
CA HIS E 53 2.95 7.15 25.25
C HIS E 53 2.02 7.13 26.47
N THR E 54 1.76 8.30 27.04
CA THR E 54 0.88 8.40 28.19
C THR E 54 -0.58 8.30 27.77
N GLN E 55 -0.84 8.57 26.50
CA GLN E 55 -2.18 8.42 25.95
C GLN E 55 -2.42 6.96 25.55
N CYS E 56 -1.36 6.30 25.09
CA CYS E 56 -1.48 4.96 24.56
C CYS E 56 -1.66 3.89 25.64
N MET E 57 -1.40 4.26 26.89
CA MET E 57 -1.55 3.32 28.00
C MET E 57 -2.99 3.33 28.53
N GLN E 58 -3.33 2.29 29.29
CA GLN E 58 -4.72 2.03 29.67
C GLN E 58 -5.32 3.04 30.65
N ASN E 59 -4.61 3.31 31.73
CA ASN E 59 -5.12 4.25 32.72
C ASN E 59 -4.12 5.27 33.24
N PHE E 60 -3.67 6.20 32.40
CA PHE E 60 -2.78 7.23 32.90
C PHE E 60 -3.37 8.62 32.86
N LYS E 61 -3.56 9.21 34.04
CA LYS E 61 -4.11 10.54 34.17
C LYS E 61 -3.19 11.64 33.63
N LYS E 62 -1.91 11.53 33.93
CA LYS E 62 -0.88 12.49 33.53
C LYS E 62 -0.79 13.67 34.50
N LEU E 64 2.45 14.74 32.91
CA LEU E 64 3.60 14.78 33.81
C LEU E 64 4.56 15.88 33.41
N LEU E 65 5.33 16.37 34.38
CA LEU E 65 6.32 17.39 34.10
C LEU E 65 7.43 16.80 33.24
N ARG E 66 8.00 17.62 32.37
CA ARG E 66 9.07 17.15 31.50
C ARG E 66 10.29 16.75 32.33
N GLY E 67 10.72 15.50 32.17
CA GLY E 67 11.84 14.98 32.92
C GLY E 67 11.41 14.09 34.07
N ASP E 68 10.14 14.16 34.44
CA ASP E 68 9.67 13.32 35.54
C ASP E 68 9.19 11.97 35.03
N MET E 69 9.97 10.94 35.31
CA MET E 69 9.63 9.60 34.93
C MET E 69 9.70 8.67 36.11
N PHE E 70 9.48 9.22 37.30
CA PHE E 70 9.71 8.43 38.51
C PHE E 70 8.51 7.55 38.75
N PHE E 71 8.35 6.59 37.86
CA PHE E 71 7.28 5.62 37.94
C PHE E 71 7.86 4.25 37.64
N VAL E 72 7.28 3.22 38.25
CA VAL E 72 7.61 1.87 37.85
C VAL E 72 6.44 1.43 37.01
N PHE E 73 6.71 1.08 35.77
CA PHE E 73 5.65 0.77 34.82
C PHE E 73 5.84 -0.58 34.11
N CYS E 74 4.72 -1.28 33.93
CA CYS E 74 4.70 -2.53 33.19
C CYS E 74 3.43 -2.58 32.34
N CYS E 75 3.59 -2.66 31.03
CA CYS E 75 2.46 -2.57 30.11
C CYS E 75 1.56 -3.80 30.19
N THR E 76 0.38 -3.70 29.57
CA THR E 76 -0.63 -4.74 29.61
C THR E 76 -0.15 -6.08 29.06
N VAL E 77 0.66 -6.03 28.00
CA VAL E 77 1.15 -7.24 27.36
C VAL E 77 2.15 -7.99 28.24
N CYS E 78 3.07 -7.24 28.85
CA CYS E 78 4.13 -7.84 29.65
C CYS E 78 3.63 -8.44 30.96
N ASN E 79 2.46 -8.01 31.41
CA ASN E 79 1.90 -8.53 32.65
C ASN E 79 0.37 -8.59 32.61
N ASN E 80 -0.16 -9.79 32.40
CA ASN E 80 -1.60 -9.99 32.34
C ASN E 80 -1.99 -11.40 32.77
N ILE E 82 -3.98 -5.51 31.59
CA ILE E 82 -3.91 -4.77 32.85
C ILE E 82 -2.54 -4.13 33.05
N GLU E 83 -2.46 -2.81 32.80
CA GLU E 83 -1.20 -2.09 32.97
C GLU E 83 -0.86 -1.95 34.45
N PHE E 84 0.41 -1.75 34.74
CA PHE E 84 0.87 -1.62 36.12
C PHE E 84 1.66 -0.34 36.32
N VAL E 85 1.18 0.51 37.22
CA VAL E 85 1.87 1.75 37.54
C VAL E 85 2.12 1.87 39.03
N ARG E 86 3.21 2.53 39.40
CA ARG E 86 3.59 2.70 40.80
C ARG E 86 4.47 3.94 40.97
N ARG E 87 3.97 4.92 41.71
CA ARG E 87 4.71 6.15 41.95
C ARG E 87 5.91 5.91 42.84
N MET E 88 7.08 6.37 42.40
CA MET E 88 8.29 6.26 43.18
C MET E 88 8.36 7.35 44.25
N GLN E 89 8.93 7.03 45.40
CA GLN E 89 9.23 8.04 46.39
C GLN E 89 10.52 8.75 46.00
N ILE E 90 10.45 10.06 45.78
CA ILE E 90 11.60 10.83 45.35
C ILE E 90 12.11 11.71 46.49
N GLU E 91 13.39 12.09 46.39
CA GLU E 91 13.99 12.98 47.36
C GLU E 91 14.25 14.35 46.72
N TRP E 92 14.72 15.29 47.52
CA TRP E 92 14.81 16.69 47.10
C TRP E 92 15.71 16.93 45.90
N VAL E 93 16.75 16.11 45.74
CA VAL E 93 17.65 16.25 44.61
C VAL E 93 16.91 16.00 43.29
N ASP E 94 15.96 15.06 43.33
CA ASP E 94 15.13 14.78 42.16
C ASP E 94 14.18 15.93 41.90
N VAL E 95 13.59 16.46 42.96
CA VAL E 95 12.66 17.58 42.86
C VAL E 95 13.32 18.81 42.27
N LEU E 96 14.55 19.08 42.69
CA LEU E 96 15.30 20.23 42.20
C LEU E 96 15.69 20.06 40.74
N HIS E 97 16.07 18.84 40.37
CA HIS E 97 16.48 18.54 39.00
C HIS E 97 15.29 18.72 38.04
N ILE E 98 14.13 18.25 38.45
CA ILE E 98 12.91 18.40 37.67
C ILE E 98 12.57 19.88 37.48
N ALA E 99 12.65 20.65 38.58
CA ALA E 99 12.33 22.07 38.55
C ALA E 99 13.24 22.83 37.60
N LEU E 100 14.55 22.63 37.74
CA LEU E 100 15.53 23.33 36.91
C LEU E 100 15.44 22.92 35.44
N TYR E 101 15.13 21.65 35.19
CA TYR E 101 15.02 21.14 33.83
C TYR E 101 13.80 21.72 33.14
N ASN E 102 12.75 21.99 33.91
CA ASN E 102 11.53 22.56 33.38
C ASN E 102 11.61 24.08 33.24
N LEU E 103 12.39 24.71 34.13
CA LEU E 103 12.57 26.15 34.10
C LEU E 103 13.52 26.58 32.99
N ARG E 104 14.49 25.72 32.67
CA ARG E 104 15.48 26.02 31.65
C ARG E 104 14.86 26.12 30.26
N LYS E 105 13.82 25.33 30.02
CA LYS E 105 13.15 25.33 28.73
C LYS E 105 12.34 26.61 28.53
N HIS E 106 11.78 27.13 29.62
CA HIS E 106 10.99 28.35 29.58
C HIS E 106 11.87 29.58 29.77
N LYS E 110 19.47 32.01 31.84
CA LYS E 110 20.65 31.21 32.11
C LYS E 110 20.61 30.62 33.51
N TYR E 111 20.47 31.49 34.51
CA TYR E 111 20.41 31.06 35.90
C TYR E 111 19.01 31.26 36.48
N HIS E 112 18.74 30.61 37.61
CA HIS E 112 17.48 30.80 38.31
C HIS E 112 17.70 31.09 39.78
N HIS E 113 17.04 32.11 40.29
CA HIS E 113 17.12 32.44 41.71
C HIS E 113 16.30 31.42 42.44
N LEU E 114 16.85 30.84 43.51
CA LEU E 114 16.13 29.78 44.19
C LEU E 114 14.83 30.25 44.81
N LEU E 115 14.88 31.36 45.56
CA LEU E 115 13.68 31.91 46.14
C LEU E 115 12.75 32.53 45.10
N ASN E 116 13.36 33.30 44.20
CA ASN E 116 12.60 34.03 43.20
C ASN E 116 11.89 33.16 42.19
N ASP E 117 12.56 32.11 41.73
CA ASP E 117 11.94 31.28 40.71
C ASP E 117 11.71 29.84 41.12
N ILE E 118 12.71 29.24 41.74
CA ILE E 118 12.77 27.81 41.89
C ILE E 118 11.82 27.35 42.99
N TRP E 119 11.83 28.04 44.12
CA TRP E 119 10.97 27.64 45.23
C TRP E 119 9.49 27.79 44.94
N PRO E 120 9.12 28.90 44.32
CA PRO E 120 7.70 29.10 44.01
C PRO E 120 7.21 28.18 42.89
N PHE E 121 8.09 27.82 41.97
CA PHE E 121 7.71 26.92 40.90
C PHE E 121 7.34 25.59 41.51
N ILE E 122 8.11 25.17 42.48
CA ILE E 122 7.82 23.95 43.21
C ILE E 122 6.51 24.03 43.98
N LEU E 123 6.28 25.16 44.62
CA LEU E 123 5.06 25.34 45.42
C LEU E 123 3.81 25.33 44.56
N GLU E 124 3.85 26.08 43.47
CA GLU E 124 2.73 26.15 42.53
C GLU E 124 2.51 24.76 41.93
N GLN E 125 3.62 24.07 41.69
CA GLN E 125 3.60 22.77 41.06
C GLN E 125 3.61 21.66 42.11
N ARG E 126 3.41 22.05 43.37
CA ARG E 126 3.57 21.11 44.46
C ARG E 126 2.59 19.96 44.30
N HIS E 127 1.39 20.26 43.81
CA HIS E 127 0.36 19.24 43.71
C HIS E 127 0.85 18.13 42.80
N GLN E 128 1.51 18.49 41.71
CA GLN E 128 2.02 17.49 40.78
C GLN E 128 3.07 16.56 41.38
N LEU E 129 3.99 17.11 42.17
CA LEU E 129 5.18 16.36 42.55
C LEU E 129 5.17 15.80 43.97
N PRO E 130 5.46 14.43 44.06
CA PRO E 130 5.38 13.91 45.43
C PRO E 130 6.63 14.25 46.23
N ILE E 131 6.54 14.19 47.55
CA ILE E 131 7.69 14.45 48.41
C ILE E 131 7.77 13.47 49.56
N CYS E 132 8.95 13.30 50.13
CA CYS E 132 9.12 12.42 51.27
C CYS E 132 8.67 13.11 52.56
N LEU E 138 7.63 21.52 58.78
CA LEU E 138 8.91 22.04 59.24
C LEU E 138 9.22 23.39 58.58
N PRO E 139 9.83 24.31 59.35
CA PRO E 139 10.09 25.71 58.96
C PRO E 139 10.54 25.91 57.52
N GLU E 140 9.82 26.76 56.80
CA GLU E 140 10.13 27.05 55.40
C GLU E 140 11.50 27.69 55.26
N THR E 141 11.86 28.53 56.23
CA THR E 141 13.16 29.18 56.24
C THR E 141 14.28 28.16 56.40
N ALA E 142 13.99 27.08 57.13
CA ALA E 142 14.97 26.01 57.36
C ALA E 142 15.08 25.10 56.15
N LEU E 143 13.94 24.86 55.50
CA LEU E 143 13.89 23.98 54.32
C LEU E 143 14.69 24.58 53.17
N MET E 144 14.65 25.89 53.04
CA MET E 144 15.37 26.59 51.98
C MET E 144 16.88 26.41 52.13
N GLU E 145 17.34 26.25 53.38
CA GLU E 145 18.75 26.08 53.67
C GLU E 145 19.22 24.67 53.29
N ARG E 146 18.36 23.69 53.52
CA ARG E 146 18.66 22.31 53.16
C ARG E 146 18.76 22.14 51.65
N LEU E 147 17.94 22.88 50.92
CA LEU E 147 17.96 22.84 49.46
C LEU E 147 19.27 23.37 48.93
N LYS E 148 19.78 24.44 49.55
CA LYS E 148 21.07 25.01 49.17
C LYS E 148 22.19 24.00 49.38
N GLN E 149 22.07 23.21 50.44
CA GLN E 149 23.06 22.17 50.73
C GLN E 149 23.03 21.09 49.67
N THR E 150 21.84 20.56 49.39
CA THR E 150 21.66 19.50 48.40
C THR E 150 22.20 19.94 47.04
N LEU E 151 21.91 21.16 46.66
CA LEU E 151 22.41 21.67 45.40
C LEU E 151 23.92 21.72 45.39
N LYS E 152 24.51 22.16 46.49
CA LYS E 152 25.96 22.17 46.60
C LYS E 152 26.52 20.75 46.59
N ASP E 153 25.86 19.86 47.33
CA ASP E 153 26.35 18.50 47.44
C ASP E 153 26.31 17.78 46.11
N TYR E 154 25.23 17.98 45.35
CA TYR E 154 25.21 17.49 44.00
C TYR E 154 25.77 18.56 43.10
N SER E 155 27.03 18.89 43.33
CA SER E 155 27.73 19.94 42.60
C SER E 155 27.87 19.58 41.13
N ASP E 156 28.07 18.30 40.87
CA ASP E 156 28.23 17.80 39.52
C ASP E 156 26.98 18.06 38.69
N ARG E 157 25.82 17.81 39.27
CA ARG E 157 24.54 18.15 38.65
C ARG E 157 24.21 19.63 38.51
N PHE E 158 24.54 20.43 39.52
CA PHE E 158 24.14 21.83 39.53
C PHE E 158 25.27 22.85 39.63
N VAL E 159 25.25 23.84 38.75
CA VAL E 159 26.20 24.95 38.83
C VAL E 159 25.71 25.97 39.85
N CYS E 160 26.61 26.41 40.72
CA CYS E 160 26.25 27.33 41.78
C CYS E 160 26.79 28.74 41.49
N GLY E 161 25.92 29.74 41.58
CA GLY E 161 26.30 31.10 41.28
C GLY E 161 25.93 32.11 42.36
N ARG E 162 26.87 33.02 42.64
CA ARG E 162 26.64 34.07 43.62
C ARG E 162 26.81 35.45 42.98
N GLU E 163 26.21 36.47 43.60
CA GLU E 163 26.26 37.81 43.05
C GLU E 163 26.79 38.83 44.07
N PHE E 164 27.79 39.60 43.65
CA PHE E 164 28.38 40.66 44.46
C PHE E 164 28.90 40.15 45.80
N LYS E 165 29.64 39.04 45.76
CA LYS E 165 30.26 38.44 46.94
C LYS E 165 29.26 38.13 48.05
N ARG E 166 28.02 37.86 47.67
CA ARG E 166 26.99 37.50 48.64
C ARG E 166 26.78 35.99 48.66
N ALA E 167 25.89 35.53 49.52
CA ALA E 167 25.56 34.11 49.61
C ALA E 167 24.95 33.63 48.29
N PRO E 168 25.40 32.49 47.79
CA PRO E 168 24.97 32.06 46.45
C PRO E 168 23.49 31.73 46.42
N ALA E 169 22.77 32.36 45.50
CA ALA E 169 21.33 32.17 45.39
C ALA E 169 20.90 31.76 43.99
N PHE E 170 21.86 31.61 43.10
CA PHE E 170 21.54 31.31 41.71
C PHE E 170 22.02 29.94 41.30
N TYR E 171 21.12 29.16 40.71
CA TYR E 171 21.41 27.79 40.34
C TYR E 171 20.94 27.46 38.94
N ALA E 172 21.55 26.43 38.37
CA ALA E 172 21.17 25.93 37.06
C ALA E 172 21.72 24.52 36.86
N LEU E 173 21.30 23.87 35.78
CA LEU E 173 21.81 22.54 35.46
C LEU E 173 23.17 22.63 34.78
N ARG E 174 24.11 21.83 35.24
CA ARG E 174 25.45 21.83 34.67
C ARG E 174 25.43 21.24 33.26
N HIS E 175 24.48 20.34 33.01
CA HIS E 175 24.34 19.72 31.70
C HIS E 175 22.89 19.78 31.23
N SER E 176 22.66 19.42 29.96
CA SER E 176 21.35 19.51 29.36
C SER E 176 20.49 18.27 29.65
N GLY E 177 21.02 17.35 30.43
CA GLY E 177 20.34 16.10 30.71
C GLY E 177 19.18 16.23 31.70
N PRO E 178 18.18 15.35 31.55
CA PRO E 178 17.03 15.25 32.44
C PRO E 178 17.40 14.60 33.78
N PRO E 179 16.49 14.65 34.78
CA PRO E 179 16.73 14.01 36.09
C PRO E 179 17.20 12.56 35.99
N HIS E 180 18.15 12.19 36.85
CA HIS E 180 18.67 10.83 36.88
C HIS E 180 17.71 9.89 37.60
N ILE E 181 17.35 8.80 36.92
CA ILE E 181 16.39 7.85 37.46
C ILE E 181 16.95 6.43 37.43
N PRO E 182 16.88 5.73 38.57
CA PRO E 182 17.35 4.34 38.64
C PRO E 182 16.54 3.41 37.75
N LYS E 183 17.21 2.74 36.81
CA LYS E 183 16.55 1.83 35.89
C LYS E 183 16.02 0.59 36.60
N VAL E 184 14.83 0.16 36.21
CA VAL E 184 14.23 -1.05 36.74
C VAL E 184 13.92 -2.03 35.60
N PHE E 185 14.80 -2.99 35.41
CA PHE E 185 14.60 -4.01 34.38
C PHE E 185 14.37 -5.37 35.02
N LEU E 186 13.30 -6.05 34.59
CA LEU E 186 12.92 -7.32 35.19
C LEU E 186 12.98 -8.48 34.19
N GLU E 187 13.13 -9.69 34.72
CA GLU E 187 13.06 -10.90 33.93
C GLU E 187 11.63 -11.45 33.97
N PRO E 188 11.21 -12.18 32.93
CA PRO E 188 9.84 -12.68 32.84
C PRO E 188 9.45 -13.61 33.99
N HIS E 189 10.42 -14.29 34.58
CA HIS E 189 10.15 -15.25 35.66
C HIS E 189 9.96 -14.57 37.00
N GLU E 190 10.25 -13.27 37.06
CA GLU E 190 10.26 -12.54 38.32
C GLU E 190 8.89 -11.94 38.66
N GLU E 191 8.59 -11.86 39.95
CA GLU E 191 7.35 -11.28 40.42
C GLU E 191 7.46 -9.76 40.52
N LEU E 192 6.32 -9.08 40.46
CA LEU E 192 6.29 -7.64 40.52
C LEU E 192 5.84 -7.13 41.89
N SER E 193 6.09 -7.94 42.92
CA SER E 193 5.71 -7.59 44.29
C SER E 193 6.51 -6.39 44.79
N ASP E 194 5.91 -5.63 45.69
CA ASP E 194 6.55 -4.43 46.25
C ASP E 194 7.82 -4.80 47.02
N GLU E 195 7.78 -5.95 47.68
CA GLU E 195 8.95 -6.45 48.41
C GLU E 195 10.04 -6.87 47.43
N LEU E 196 9.63 -7.34 46.27
CA LEU E 196 10.57 -7.74 45.22
C LEU E 196 11.16 -6.51 44.53
N LEU E 197 10.35 -5.48 44.38
CA LEU E 197 10.80 -4.24 43.76
C LEU E 197 11.74 -3.46 44.68
N GLU E 198 11.37 -3.35 45.94
CA GLU E 198 12.14 -2.55 46.90
C GLU E 198 13.48 -3.20 47.26
N LYS E 199 13.54 -4.52 47.19
CA LYS E 199 14.74 -5.25 47.60
C LYS E 199 15.87 -5.16 46.58
N ARG E 200 15.57 -5.51 45.34
CA ARG E 200 16.61 -5.60 44.31
C ARG E 200 16.88 -4.27 43.63
N PHE E 201 15.86 -3.43 43.51
CA PHE E 201 16.00 -2.14 42.84
C PHE E 201 16.32 -1.02 43.81
N LYS E 202 16.20 -1.31 45.11
CA LYS E 202 16.48 -0.36 46.17
C LYS E 202 15.68 0.93 46.00
N LEU E 203 14.36 0.82 45.96
CA LEU E 203 13.50 1.97 45.75
C LEU E 203 12.35 2.01 46.74
N MET E 204 11.87 3.19 47.09
CA MET E 204 10.71 3.32 47.94
C MET E 204 9.54 3.87 47.14
N LEU E 205 8.40 3.19 47.20
CA LEU E 205 7.26 3.52 46.35
C LEU E 205 6.05 3.99 47.13
N MET E 206 5.40 5.01 46.60
CA MET E 206 4.18 5.55 47.19
C MET E 206 3.04 4.54 47.11
N PRO E 207 2.16 4.54 48.21
CA PRO E 207 1.06 3.56 48.08
C PRO E 207 0.06 3.94 46.99
N GLU E 208 -0.49 2.93 46.34
CA GLU E 208 -1.46 3.12 45.25
C GLU E 208 -2.41 4.29 45.49
N LEU F 15 -8.03 -10.60 -39.65
CA LEU F 15 -8.74 -10.87 -38.41
C LEU F 15 -9.27 -12.30 -38.38
N SER F 16 -9.64 -12.82 -39.56
CA SER F 16 -10.11 -14.19 -39.68
C SER F 16 -8.97 -15.17 -39.46
N TRP F 17 -9.30 -16.44 -39.32
CA TRP F 17 -8.31 -17.47 -39.06
C TRP F 17 -7.29 -17.68 -40.17
N ASP F 18 -7.72 -17.68 -41.42
CA ASP F 18 -6.75 -17.74 -42.53
C ASP F 18 -5.88 -16.50 -42.67
N GLU F 19 -6.47 -15.34 -42.47
CA GLU F 19 -5.78 -14.04 -42.57
C GLU F 19 -4.66 -13.75 -41.57
N LYS F 20 -4.89 -14.12 -40.32
CA LYS F 20 -4.06 -13.68 -39.20
C LYS F 20 -2.66 -14.26 -39.19
N HIS F 21 -1.76 -13.55 -38.53
CA HIS F 21 -0.39 -13.97 -38.39
C HIS F 21 -0.22 -14.46 -36.97
N ARG F 22 0.31 -15.66 -36.80
CA ARG F 22 0.71 -16.10 -35.49
C ARG F 22 2.22 -16.01 -35.49
N VAL F 23 2.75 -15.14 -34.65
CA VAL F 23 4.19 -14.99 -34.55
C VAL F 23 4.63 -15.16 -33.12
N ASN F 24 5.65 -15.97 -32.92
CA ASN F 24 6.15 -16.23 -31.58
C ASN F 24 7.58 -15.79 -31.45
N GLU F 25 7.95 -15.17 -30.35
CA GLU F 25 9.32 -14.70 -30.20
C GLU F 25 10.34 -15.83 -30.20
N GLU F 26 11.47 -15.61 -30.86
CA GLU F 26 12.61 -16.51 -30.77
C GLU F 26 13.22 -16.39 -29.39
N GLN F 27 13.75 -17.50 -28.87
CA GLN F 27 14.43 -17.44 -27.59
C GLN F 27 15.64 -18.38 -27.58
N TYR F 29 18.88 -17.91 -25.55
CA TYR F 29 19.55 -18.41 -26.74
C TYR F 29 21.03 -18.63 -26.47
N CYS F 30 21.37 -19.10 -25.28
CA CYS F 30 22.79 -19.22 -24.95
C CYS F 30 23.28 -20.56 -25.51
N TYR F 31 24.56 -20.88 -25.31
CA TYR F 31 25.07 -22.15 -25.82
C TYR F 31 24.61 -23.30 -24.93
N CYS F 32 23.83 -22.97 -23.91
CA CYS F 32 23.23 -23.96 -23.01
C CYS F 32 21.91 -24.48 -23.58
N GLY F 33 21.25 -23.66 -24.39
CA GLY F 33 19.99 -24.03 -24.99
C GLY F 33 18.79 -23.53 -24.21
N LYS F 34 19.06 -22.71 -23.20
CA LYS F 34 18.00 -22.15 -22.36
C LYS F 34 17.96 -20.63 -22.45
N PRO F 35 16.77 -20.04 -22.22
CA PRO F 35 16.61 -18.59 -22.18
C PRO F 35 16.97 -18.00 -20.81
N GLY F 36 17.53 -16.79 -20.77
CA GLY F 36 17.69 -15.96 -21.95
C GLY F 36 17.16 -14.55 -21.88
N LYS F 37 17.36 -13.86 -20.75
CA LYS F 37 16.94 -12.47 -20.67
C LYS F 37 18.12 -11.50 -20.73
N PHE F 38 18.09 -10.62 -21.72
CA PHE F 38 19.19 -9.70 -21.99
C PHE F 38 19.45 -8.71 -20.87
N ASP F 39 18.36 -8.19 -20.29
CA ASP F 39 18.46 -7.21 -19.21
C ASP F 39 19.16 -7.79 -17.98
N HIS F 40 18.89 -9.06 -17.70
CA HIS F 40 19.47 -9.71 -16.55
C HIS F 40 20.57 -10.70 -16.90
N ASN F 41 21.78 -10.39 -16.45
CA ASN F 41 22.90 -11.33 -16.47
C ASN F 41 23.25 -12.00 -17.80
N MET F 42 23.24 -11.23 -18.88
CA MET F 42 23.69 -11.74 -20.18
C MET F 42 24.69 -10.81 -20.85
N LEU F 43 25.75 -11.37 -21.42
CA LEU F 43 26.74 -10.58 -22.13
C LEU F 43 26.96 -11.08 -23.56
N GLN F 44 27.36 -10.17 -24.44
CA GLN F 44 27.59 -10.50 -25.84
C GLN F 44 29.08 -10.49 -26.15
N CYS F 45 29.56 -11.54 -26.79
CA CYS F 45 30.97 -11.63 -27.20
C CYS F 45 31.27 -10.55 -28.22
N CYS F 46 32.36 -9.82 -28.02
CA CYS F 46 32.68 -8.83 -29.02
C CYS F 46 33.02 -9.44 -30.38
N LYS F 47 33.79 -10.52 -30.38
CA LYS F 47 34.15 -11.19 -31.64
C LYS F 47 33.12 -12.04 -32.42
N CYS F 48 32.42 -12.94 -31.75
CA CYS F 48 31.45 -13.83 -32.38
C CYS F 48 30.03 -13.30 -32.28
N ARG F 49 29.86 -12.23 -31.50
CA ARG F 49 28.57 -11.54 -31.37
C ARG F 49 27.44 -12.43 -30.84
N ASN F 50 27.80 -13.49 -30.12
CA ASN F 50 26.80 -14.37 -29.51
C ASN F 50 26.53 -14.00 -28.06
N TRP F 51 25.40 -14.44 -27.55
CA TRP F 51 24.99 -14.11 -26.18
C TRP F 51 25.20 -15.28 -25.23
N PHE F 52 25.60 -14.95 -24.00
CA PHE F 52 25.93 -15.97 -23.00
C PHE F 52 25.36 -15.63 -21.63
N HIS F 53 24.91 -16.64 -20.90
CA HIS F 53 24.49 -16.45 -19.51
C HIS F 53 25.72 -16.19 -18.64
N THR F 54 25.58 -15.47 -17.55
CA THR F 54 26.75 -15.27 -16.73
C THR F 54 27.05 -16.57 -16.03
N GLN F 55 26.01 -17.34 -15.80
CA GLN F 55 26.13 -18.61 -15.15
C GLN F 55 26.62 -19.64 -16.15
N CYS F 56 26.37 -19.40 -17.42
CA CYS F 56 26.81 -20.32 -18.45
C CYS F 56 28.22 -19.94 -18.89
N MET F 57 28.85 -19.05 -18.13
CA MET F 57 30.20 -18.59 -18.41
C MET F 57 31.13 -19.28 -17.46
N GLN F 58 32.42 -19.30 -17.79
CA GLN F 58 33.44 -19.91 -16.96
C GLN F 58 33.66 -19.29 -15.61
N ASN F 59 33.74 -17.97 -15.55
CA ASN F 59 33.98 -17.32 -14.28
C ASN F 59 33.19 -16.05 -14.04
N PHE F 60 31.89 -16.15 -13.81
CA PHE F 60 31.10 -14.95 -13.58
C PHE F 60 30.14 -15.04 -12.41
N LYS F 61 30.64 -14.81 -11.20
CA LYS F 61 29.77 -14.90 -10.04
C LYS F 61 29.22 -13.59 -9.53
N LYS F 62 29.62 -12.47 -10.10
CA LYS F 62 29.07 -11.24 -9.60
C LYS F 62 27.63 -11.25 -10.05
N LYS F 63 26.74 -10.89 -9.16
CA LYS F 63 25.35 -10.84 -9.51
C LYS F 63 25.25 -9.38 -9.80
N LEU F 64 24.57 -9.00 -10.86
CA LEU F 64 24.48 -7.57 -11.16
C LEU F 64 23.10 -7.00 -11.24
N LEU F 65 23.07 -5.69 -11.14
CA LEU F 65 21.84 -4.97 -11.16
C LEU F 65 21.24 -5.08 -12.53
N ARG F 66 19.93 -5.06 -12.54
CA ARG F 66 19.15 -5.15 -13.77
C ARG F 66 19.48 -4.00 -14.71
N GLY F 67 19.95 -4.33 -15.91
CA GLY F 67 20.30 -3.34 -16.90
C GLY F 67 21.78 -3.02 -16.94
N ASP F 68 22.54 -3.61 -16.02
CA ASP F 68 23.97 -3.36 -15.99
C ASP F 68 24.69 -4.38 -16.86
N MET F 69 25.04 -3.95 -18.05
CA MET F 69 25.72 -4.78 -19.02
C MET F 69 27.06 -4.18 -19.35
N PHE F 70 27.57 -3.30 -18.50
CA PHE F 70 28.72 -2.52 -18.88
C PHE F 70 30.01 -3.27 -18.68
N PHE F 71 30.24 -4.25 -19.55
CA PHE F 71 31.47 -5.01 -19.58
C PHE F 71 31.83 -5.30 -21.02
N VAL F 72 33.10 -5.53 -21.28
CA VAL F 72 33.52 -5.96 -22.59
C VAL F 72 33.84 -7.43 -22.43
N PHE F 73 33.23 -8.26 -23.25
CA PHE F 73 33.36 -9.70 -23.09
C PHE F 73 33.75 -10.42 -24.38
N CYS F 74 34.55 -11.47 -24.23
CA CYS F 74 34.91 -12.33 -25.35
C CYS F 74 35.05 -13.78 -24.87
N CYS F 75 34.35 -14.69 -25.55
CA CYS F 75 34.34 -16.10 -25.15
C CYS F 75 35.65 -16.81 -25.47
N THR F 76 35.77 -18.04 -25.00
CA THR F 76 36.97 -18.84 -25.18
C THR F 76 37.26 -19.13 -26.65
N VAL F 77 36.21 -19.48 -27.39
CA VAL F 77 36.33 -19.87 -28.79
C VAL F 77 36.95 -18.76 -29.64
N CYS F 78 36.66 -17.52 -29.29
CA CYS F 78 37.15 -16.37 -30.05
C CYS F 78 38.48 -15.85 -29.53
N ASN F 79 38.80 -16.25 -28.30
CA ASN F 79 39.98 -15.78 -27.58
C ASN F 79 40.98 -16.87 -27.23
N ASN F 80 40.97 -17.96 -27.99
CA ASN F 80 41.89 -19.06 -27.72
C ASN F 80 41.72 -19.69 -26.35
N GLY F 81 40.47 -19.84 -25.93
CA GLY F 81 40.17 -20.59 -24.72
C GLY F 81 40.31 -19.85 -23.42
N ILE F 82 40.58 -18.55 -23.47
CA ILE F 82 40.61 -17.77 -22.26
C ILE F 82 39.48 -16.75 -22.27
N GLU F 83 38.61 -16.83 -21.26
CA GLU F 83 37.49 -15.92 -21.10
C GLU F 83 37.98 -14.50 -20.81
N PHE F 84 37.48 -13.54 -21.59
CA PHE F 84 37.85 -12.14 -21.41
C PHE F 84 36.68 -11.34 -20.85
N VAL F 85 36.88 -10.73 -19.68
CA VAL F 85 35.87 -9.87 -19.08
C VAL F 85 36.51 -8.60 -18.54
N ARG F 86 36.10 -7.46 -19.09
CA ARG F 86 36.65 -6.17 -18.69
C ARG F 86 35.53 -5.22 -18.27
N ARG F 87 35.78 -4.41 -17.25
CA ARG F 87 34.75 -3.52 -16.72
C ARG F 87 34.85 -2.12 -17.30
N MET F 88 33.73 -1.62 -17.81
CA MET F 88 33.68 -0.29 -18.43
C MET F 88 33.66 0.81 -17.39
N GLN F 89 34.21 1.98 -17.76
CA GLN F 89 34.11 3.16 -16.92
C GLN F 89 32.87 3.95 -17.31
N ILE F 90 31.83 3.86 -16.49
CA ILE F 90 30.54 4.47 -16.80
C ILE F 90 30.44 5.90 -16.29
N GLU F 91 29.57 6.68 -16.93
CA GLU F 91 29.32 8.05 -16.52
C GLU F 91 28.01 8.14 -15.75
N TRP F 92 27.68 9.33 -15.25
CA TRP F 92 26.54 9.51 -14.37
C TRP F 92 25.18 9.22 -15.02
N VAL F 93 25.08 9.45 -16.32
CA VAL F 93 23.86 9.15 -17.05
C VAL F 93 23.55 7.66 -16.97
N ASP F 94 24.59 6.85 -17.05
CA ASP F 94 24.46 5.40 -16.91
C ASP F 94 24.01 5.04 -15.50
N VAL F 95 24.62 5.69 -14.51
CA VAL F 95 24.31 5.45 -13.10
C VAL F 95 22.84 5.73 -12.81
N LEU F 96 22.34 6.87 -13.28
CA LEU F 96 20.96 7.26 -13.06
C LEU F 96 19.99 6.32 -13.77
N HIS F 97 20.36 5.87 -14.96
CA HIS F 97 19.51 4.98 -15.74
C HIS F 97 19.37 3.62 -15.05
N ILE F 98 20.50 3.08 -14.58
CA ILE F 98 20.51 1.84 -13.84
C ILE F 98 19.64 1.96 -12.58
N ALA F 99 19.74 3.11 -11.93
CA ALA F 99 18.98 3.37 -10.72
C ALA F 99 17.48 3.30 -10.97
N LEU F 100 17.00 4.12 -11.90
CA LEU F 100 15.57 4.21 -12.20
C LEU F 100 15.02 2.90 -12.77
N TYR F 101 15.87 2.14 -13.44
CA TYR F 101 15.45 0.88 -14.06
C TYR F 101 15.19 -0.19 -13.00
N ASN F 102 15.90 -0.09 -11.87
CA ASN F 102 15.75 -1.05 -10.79
C ASN F 102 14.73 -0.60 -9.74
N LEU F 103 14.49 0.70 -9.66
CA LEU F 103 13.56 1.25 -8.69
C LEU F 103 12.10 1.04 -9.12
N ARG F 104 11.88 0.93 -10.42
CA ARG F 104 10.54 0.78 -10.97
C ARG F 104 9.90 -0.55 -10.57
N LYS F 105 10.75 -1.57 -10.38
CA LYS F 105 10.25 -2.90 -10.01
C LYS F 105 10.08 -3.03 -8.51
N HIS F 106 10.78 -2.19 -7.75
CA HIS F 106 10.75 -2.25 -6.29
C HIS F 106 9.67 -1.37 -5.70
N GLN F 107 9.45 -0.21 -6.31
CA GLN F 107 8.49 0.76 -5.78
C GLN F 107 7.14 0.67 -6.49
N HIS F 108 7.16 0.17 -7.73
CA HIS F 108 5.96 0.07 -8.56
C HIS F 108 5.26 1.42 -8.71
N GLN F 109 6.06 2.46 -8.85
CA GLN F 109 5.55 3.82 -9.01
C GLN F 109 6.08 4.46 -10.29
N LYS F 110 5.36 5.46 -10.79
CA LYS F 110 5.77 6.16 -11.99
C LYS F 110 7.05 6.97 -11.74
N TYR F 111 6.96 7.93 -10.84
CA TYR F 111 8.09 8.82 -10.55
C TYR F 111 8.88 8.40 -9.32
N HIS F 112 10.07 8.96 -9.18
CA HIS F 112 10.88 8.73 -7.99
C HIS F 112 11.49 10.03 -7.49
N HIS F 113 11.53 10.19 -6.17
CA HIS F 113 12.08 11.39 -5.57
C HIS F 113 13.58 11.30 -5.61
N LEU F 114 14.23 12.30 -6.18
CA LEU F 114 15.65 12.21 -6.38
C LEU F 114 16.45 12.15 -5.08
N LEU F 115 16.15 13.04 -4.15
CA LEU F 115 16.81 12.99 -2.85
C LEU F 115 16.36 11.80 -2.01
N ASN F 116 15.06 11.57 -1.98
CA ASN F 116 14.50 10.48 -1.21
C ASN F 116 14.72 9.04 -1.66
N ASP F 117 14.57 8.77 -2.95
CA ASP F 117 14.58 7.40 -3.44
C ASP F 117 15.80 6.99 -4.25
N ILE F 118 16.22 7.89 -5.12
CA ILE F 118 17.27 7.56 -6.09
C ILE F 118 18.61 7.48 -5.38
N TRP F 119 18.96 8.53 -4.65
CA TRP F 119 20.26 8.60 -3.97
C TRP F 119 20.41 7.57 -2.83
N PRO F 120 19.38 7.37 -1.99
CA PRO F 120 19.54 6.32 -0.98
C PRO F 120 19.74 4.93 -1.60
N PHE F 121 19.16 4.70 -2.77
CA PHE F 121 19.34 3.46 -3.49
C PHE F 121 20.78 3.31 -3.97
N ILE F 122 21.34 4.41 -4.47
CA ILE F 122 22.68 4.40 -5.08
C ILE F 122 23.79 4.00 -4.11
N LEU F 123 23.85 4.66 -2.97
CA LEU F 123 24.93 4.41 -2.04
C LEU F 123 24.89 3.01 -1.48
N GLU F 124 23.70 2.47 -1.30
CA GLU F 124 23.59 1.10 -0.85
C GLU F 124 24.27 0.26 -1.92
N GLN F 125 24.19 0.71 -3.15
CA GLN F 125 24.83 0.03 -4.28
C GLN F 125 26.10 0.72 -4.81
N ARG F 126 26.71 1.58 -4.00
CA ARG F 126 27.90 2.31 -4.43
C ARG F 126 29.05 1.37 -4.76
N HIS F 127 29.18 0.29 -4.00
CA HIS F 127 30.21 -0.69 -4.24
C HIS F 127 30.03 -1.35 -5.60
N GLN F 128 28.79 -1.62 -5.96
CA GLN F 128 28.47 -2.31 -7.21
C GLN F 128 28.88 -1.55 -8.47
N LEU F 129 28.72 -0.23 -8.46
CA LEU F 129 28.94 0.55 -9.68
C LEU F 129 30.25 1.35 -9.69
N PRO F 130 31.08 1.11 -10.80
CA PRO F 130 32.30 1.92 -10.80
C PRO F 130 32.09 3.35 -11.27
N ILE F 131 33.00 4.23 -10.89
CA ILE F 131 32.98 5.62 -11.33
C ILE F 131 34.41 6.01 -11.69
N CYS F 132 34.56 7.07 -12.47
CA CYS F 132 35.88 7.58 -12.74
C CYS F 132 36.47 8.03 -11.42
N GLU F 133 37.74 7.70 -11.18
CA GLU F 133 38.35 7.80 -9.85
C GLU F 133 38.34 9.21 -9.33
N LYS F 134 38.57 10.17 -10.21
CA LYS F 134 38.57 11.58 -9.86
C LYS F 134 37.20 12.02 -9.34
N TRP F 135 36.14 11.48 -9.94
CA TRP F 135 34.80 11.95 -9.63
C TRP F 135 34.50 11.76 -8.16
N ARG F 136 34.94 10.63 -7.61
CA ARG F 136 34.63 10.29 -6.24
C ARG F 136 35.22 11.35 -5.32
N THR F 137 36.42 11.80 -5.66
CA THR F 137 37.03 12.88 -4.91
C THR F 137 36.09 14.08 -4.87
N LEU F 138 35.22 14.19 -5.85
CA LEU F 138 34.37 15.37 -5.98
C LEU F 138 33.51 15.52 -4.74
N PRO F 139 33.21 16.83 -4.37
CA PRO F 139 32.49 16.94 -3.09
C PRO F 139 31.04 16.45 -3.11
N GLU F 140 30.59 15.98 -1.96
CA GLU F 140 29.24 15.46 -1.73
C GLU F 140 28.14 16.50 -1.92
N THR F 141 28.41 17.72 -1.52
CA THR F 141 27.47 18.80 -1.69
C THR F 141 27.19 19.04 -3.17
N ALA F 142 28.27 18.95 -3.95
CA ALA F 142 28.31 19.37 -5.35
C ALA F 142 27.36 18.62 -6.31
N LEU F 143 27.13 17.35 -6.02
CA LEU F 143 26.72 16.37 -7.00
C LEU F 143 25.39 16.72 -7.66
N MET F 144 24.47 17.22 -6.86
CA MET F 144 23.12 17.45 -7.30
C MET F 144 23.18 18.42 -8.47
N GLU F 145 24.08 19.37 -8.37
CA GLU F 145 24.20 20.35 -9.41
C GLU F 145 24.53 19.62 -10.71
N ARG F 146 25.42 18.64 -10.66
CA ARG F 146 25.64 17.78 -11.82
C ARG F 146 24.49 16.82 -12.18
N LEU F 147 23.94 16.13 -11.18
CA LEU F 147 22.93 15.11 -11.40
C LEU F 147 21.64 15.70 -11.97
N LYS F 148 21.25 16.88 -11.49
CA LYS F 148 20.06 17.55 -11.99
C LYS F 148 20.28 18.03 -13.43
N GLN F 149 21.52 18.45 -13.71
CA GLN F 149 21.88 18.90 -15.05
C GLN F 149 21.95 17.70 -16.00
N THR F 150 22.38 16.57 -15.48
CA THR F 150 22.45 15.33 -16.25
C THR F 150 21.06 14.89 -16.68
N LEU F 151 20.14 14.86 -15.72
CA LEU F 151 18.76 14.47 -15.99
C LEU F 151 18.07 15.47 -16.92
N LYS F 152 18.50 16.73 -16.85
CA LYS F 152 17.95 17.78 -17.69
C LYS F 152 18.51 17.69 -19.11
N ASP F 153 19.81 17.42 -19.21
CA ASP F 153 20.46 17.30 -20.51
C ASP F 153 20.06 15.99 -21.19
N TYR F 154 19.64 15.02 -20.40
CA TYR F 154 19.15 13.74 -20.92
C TYR F 154 17.65 13.60 -20.80
N SER F 155 16.93 14.72 -20.97
CA SER F 155 15.49 14.73 -20.85
C SER F 155 14.79 13.77 -21.82
N ASP F 156 15.51 13.38 -22.87
CA ASP F 156 15.00 12.43 -23.85
C ASP F 156 14.83 11.04 -23.22
N ARG F 157 15.61 10.76 -22.18
CA ARG F 157 15.54 9.47 -21.49
C ARG F 157 14.81 9.58 -20.15
N PHE F 158 14.84 10.76 -19.55
CA PHE F 158 14.31 10.94 -18.20
C PHE F 158 13.15 11.93 -18.14
N VAL F 159 12.02 11.49 -17.58
CA VAL F 159 10.89 12.37 -17.35
C VAL F 159 11.14 13.24 -16.12
N CYS F 160 10.91 14.54 -16.25
CA CYS F 160 11.09 15.46 -15.14
C CYS F 160 9.75 15.76 -14.48
N GLY F 161 9.67 15.57 -13.18
CA GLY F 161 8.41 15.74 -12.46
C GLY F 161 8.47 16.73 -11.31
N ARG F 162 7.38 17.47 -11.11
CA ARG F 162 7.31 18.48 -10.07
C ARG F 162 5.98 18.40 -9.30
N GLU F 163 5.92 19.09 -8.17
CA GLU F 163 4.70 19.15 -7.37
C GLU F 163 4.28 20.59 -7.10
N PHE F 164 2.99 20.87 -7.28
CA PHE F 164 2.41 22.15 -6.89
C PHE F 164 3.12 23.36 -7.50
N LYS F 165 3.56 23.23 -8.75
CA LYS F 165 4.23 24.30 -9.48
C LYS F 165 5.46 24.84 -8.76
N ARG F 166 6.32 23.93 -8.33
CA ARG F 166 7.52 24.24 -7.59
C ARG F 166 8.68 23.53 -8.28
N ALA F 167 9.90 23.81 -7.84
CA ALA F 167 11.05 23.21 -8.51
C ALA F 167 10.96 21.68 -8.47
N PRO F 168 11.24 21.05 -9.69
CA PRO F 168 10.99 19.61 -9.66
C PRO F 168 12.02 18.80 -8.90
N ALA F 169 11.54 17.82 -8.14
CA ALA F 169 12.41 16.86 -7.48
C ALA F 169 12.14 15.42 -7.91
N PHE F 170 11.34 15.24 -8.95
CA PHE F 170 10.88 13.91 -9.33
C PHE F 170 11.30 13.46 -10.73
N TYR F 171 11.83 12.25 -10.84
CA TYR F 171 12.35 11.80 -12.11
C TYR F 171 11.98 10.35 -12.41
N ALA F 172 11.93 10.00 -13.69
CA ALA F 172 11.57 8.65 -14.11
C ALA F 172 12.06 8.36 -15.52
N LEU F 173 12.22 7.07 -15.84
CA LEU F 173 12.60 6.65 -17.19
C LEU F 173 11.50 6.98 -18.18
N ARG F 174 11.84 7.71 -19.24
CA ARG F 174 10.86 8.10 -20.24
C ARG F 174 10.32 6.89 -20.99
N HIS F 175 11.13 5.84 -21.06
CA HIS F 175 10.72 4.63 -21.78
C HIS F 175 11.07 3.38 -20.99
N SER F 176 10.70 2.22 -21.54
CA SER F 176 10.83 0.95 -20.83
C SER F 176 12.19 0.30 -21.02
N GLY F 177 13.06 0.94 -21.79
CA GLY F 177 14.35 0.36 -22.11
C GLY F 177 15.37 0.45 -20.98
N PRO F 178 16.34 -0.48 -20.98
CA PRO F 178 17.47 -0.47 -20.05
C PRO F 178 18.51 0.56 -20.47
N PRO F 179 19.58 0.75 -19.68
CA PRO F 179 20.63 1.72 -20.06
C PRO F 179 21.22 1.46 -21.44
N HIS F 180 21.42 2.53 -22.21
CA HIS F 180 22.02 2.42 -23.53
C HIS F 180 23.49 2.02 -23.41
N ILE F 181 23.86 0.96 -24.11
CA ILE F 181 25.21 0.42 -24.04
C ILE F 181 25.89 0.44 -25.41
N PRO F 182 27.07 1.06 -25.48
CA PRO F 182 27.83 1.10 -26.73
C PRO F 182 28.29 -0.29 -27.14
N LYS F 183 27.97 -0.68 -28.38
CA LYS F 183 28.39 -1.97 -28.89
C LYS F 183 29.88 -1.98 -29.16
N VAL F 184 30.55 -3.05 -28.74
CA VAL F 184 31.95 -3.25 -29.04
C VAL F 184 32.12 -4.48 -29.93
N PHE F 185 32.27 -4.24 -31.23
CA PHE F 185 32.45 -5.31 -32.19
C PHE F 185 33.84 -5.25 -32.82
N LEU F 186 34.61 -6.32 -32.66
CA LEU F 186 35.97 -6.36 -33.17
C LEU F 186 36.09 -7.26 -34.39
N GLU F 187 36.99 -6.90 -35.29
CA GLU F 187 37.33 -7.74 -36.42
C GLU F 187 38.20 -8.90 -35.95
N PRO F 188 38.13 -10.04 -36.66
CA PRO F 188 38.89 -11.24 -36.26
C PRO F 188 40.40 -11.00 -36.19
N HIS F 189 40.90 -9.99 -36.89
CA HIS F 189 42.32 -9.67 -36.85
C HIS F 189 42.64 -8.75 -35.68
N GLU F 190 41.65 -7.97 -35.25
CA GLU F 190 41.83 -7.05 -34.14
C GLU F 190 41.96 -7.79 -32.81
N GLU F 191 43.06 -7.55 -32.11
CA GLU F 191 43.31 -8.19 -30.83
C GLU F 191 42.68 -7.39 -29.70
N LEU F 192 42.28 -8.08 -28.64
CA LEU F 192 41.64 -7.42 -27.50
C LEU F 192 42.66 -6.79 -26.57
N SER F 193 43.12 -5.60 -26.93
CA SER F 193 44.07 -4.86 -26.11
C SER F 193 43.33 -3.76 -25.35
N ASP F 194 43.93 -3.29 -24.27
CA ASP F 194 43.30 -2.27 -23.42
C ASP F 194 43.14 -0.94 -24.15
N GLU F 195 44.25 -0.41 -24.64
CA GLU F 195 44.26 0.92 -25.24
C GLU F 195 43.56 0.94 -26.60
N LEU F 196 43.38 -0.23 -27.20
CA LEU F 196 42.70 -0.34 -28.49
C LEU F 196 41.23 0.05 -28.38
N LEU F 197 40.64 -0.27 -27.24
CA LEU F 197 39.23 0.03 -26.99
C LEU F 197 39.01 1.53 -26.81
N GLU F 198 40.07 2.24 -26.39
CA GLU F 198 39.99 3.66 -26.12
C GLU F 198 40.19 4.49 -27.38
N LYS F 199 40.82 3.90 -28.40
CA LYS F 199 41.09 4.61 -29.64
C LYS F 199 40.01 4.36 -30.68
N ARG F 200 39.40 3.17 -30.62
CA ARG F 200 38.38 2.79 -31.58
C ARG F 200 36.98 3.19 -31.14
N PHE F 201 36.67 2.97 -29.87
CA PHE F 201 35.33 3.20 -29.36
C PHE F 201 35.26 4.38 -28.40
N LYS F 202 36.42 4.93 -28.05
CA LYS F 202 36.52 6.03 -27.09
C LYS F 202 35.87 5.67 -25.76
N LEU F 203 36.11 4.46 -25.29
CA LEU F 203 35.54 3.98 -24.04
C LEU F 203 36.63 3.69 -23.02
N MET F 204 36.44 4.17 -21.80
CA MET F 204 37.42 3.96 -20.73
C MET F 204 37.08 2.73 -19.91
N LEU F 205 38.09 2.13 -19.30
CA LEU F 205 37.90 0.91 -18.53
C LEU F 205 38.46 1.05 -17.11
N MET F 206 38.14 0.09 -16.26
CA MET F 206 38.57 0.12 -14.86
C MET F 206 39.85 -0.68 -14.64
N PRO F 207 40.78 -0.12 -13.84
CA PRO F 207 42.07 -0.75 -13.60
C PRO F 207 42.01 -1.78 -12.47
#